data_2B98
#
_entry.id   2B98
#
_cell.length_a   41.773
_cell.length_b   72.692
_cell.length_c   72.698
_cell.angle_alpha   68.48
_cell.angle_beta   74.61
_cell.angle_gamma   74.90
#
_symmetry.space_group_name_H-M   'P 1'
#
loop_
_entity.id
_entity.type
_entity.pdbx_description
1 polymer 'Riboflavin synthase'
2 water water
#
_entity_poly.entity_id   1
_entity_poly.type   'polypeptide(L)'
_entity_poly.pdbx_seq_one_letter_code
;MTKKVGIVDTTFARVDMASIAIKKLKELSPNIKIIRKTVPGIKDLPVACKKLLEEEGCDIVMALGMPGKAEKDKVCAHEA
SLGLMLAQLMTNKHIIEVFVHEDEAKDDKELDWLAKRRAEEHAENVYYLLFKPEYLTRMAGKGLRQGFEDAGPARE
;
_entity_poly.pdbx_strand_id   A,B,C,D,E
#
# COMPACT_ATOMS: atom_id res chain seq x y z
N LYS A 3 10.82 2.80 31.51
CA LYS A 3 10.34 2.65 30.10
C LYS A 3 9.07 1.81 30.08
N LYS A 4 8.31 1.90 28.99
CA LYS A 4 7.00 1.26 28.89
C LYS A 4 6.80 0.47 27.58
N VAL A 5 6.47 -0.82 27.72
CA VAL A 5 6.22 -1.70 26.59
C VAL A 5 4.72 -2.07 26.51
N GLY A 6 4.15 -1.97 25.32
CA GLY A 6 2.82 -2.47 25.04
C GLY A 6 2.85 -3.88 24.47
N ILE A 7 2.00 -4.74 25.00
CA ILE A 7 1.91 -6.13 24.54
C ILE A 7 0.52 -6.43 24.01
N VAL A 8 0.42 -6.70 22.71
CA VAL A 8 -0.87 -6.94 22.08
C VAL A 8 -0.96 -8.36 21.54
N ASP A 9 -1.94 -9.11 22.03
CA ASP A 9 -2.16 -10.46 21.52
C ASP A 9 -3.59 -10.67 21.05
N THR A 10 -3.92 -11.93 20.76
CA THR A 10 -5.23 -12.28 20.25
C THR A 10 -5.90 -13.39 21.06
N THR A 11 -7.20 -13.53 20.86
CA THR A 11 -7.93 -14.64 21.44
C THR A 11 -7.81 -15.83 20.46
N PHE A 12 -7.84 -15.50 19.16
CA PHE A 12 -7.76 -16.46 18.05
C PHE A 12 -6.50 -17.34 18.08
N ALA A 13 -5.38 -16.75 18.50
CA ALA A 13 -4.11 -17.47 18.67
C ALA A 13 -4.26 -18.74 19.51
N ARG A 14 -3.37 -19.71 19.27
CA ARG A 14 -3.38 -21.02 19.93
C ARG A 14 -2.28 -21.29 20.97
N VAL A 15 -1.44 -20.28 21.24
CA VAL A 15 -0.44 -20.31 22.32
C VAL A 15 -0.44 -18.95 23.03
N ASP A 16 -0.27 -18.96 24.35
CA ASP A 16 -0.05 -17.73 25.10
C ASP A 16 1.40 -17.32 24.89
N MET A 17 1.60 -16.27 24.10
CA MET A 17 2.92 -15.73 23.83
C MET A 17 3.18 -14.53 24.75
N ALA A 18 2.11 -13.79 25.05
CA ALA A 18 2.14 -12.60 25.93
C ALA A 18 2.76 -12.85 27.29
N SER A 19 2.38 -13.94 27.93
CA SER A 19 2.87 -14.27 29.27
C SER A 19 4.37 -14.56 29.25
N ILE A 20 4.83 -15.09 28.13
CA ILE A 20 6.23 -15.50 27.97
C ILE A 20 7.10 -14.28 27.68
N ALA A 21 6.54 -13.32 26.93
CA ALA A 21 7.24 -12.08 26.62
C ALA A 21 7.38 -11.21 27.88
N ILE A 22 6.30 -11.14 28.66
CA ILE A 22 6.26 -10.35 29.90
C ILE A 22 7.28 -10.87 30.94
N LYS A 23 7.32 -12.19 31.12
CA LYS A 23 8.25 -12.85 32.04
C LYS A 23 9.72 -12.50 31.71
N LYS A 24 10.12 -12.71 30.46
CA LYS A 24 11.47 -12.40 30.00
C LYS A 24 11.80 -10.93 30.23
N LEU A 25 10.85 -10.07 29.88
CA LEU A 25 10.99 -8.64 29.97
C LEU A 25 11.22 -8.17 31.40
N LYS A 26 10.38 -8.61 32.33
CA LYS A 26 10.54 -8.24 33.74
C LYS A 26 11.79 -8.87 34.37
N GLU A 27 12.23 -9.98 33.78
CA GLU A 27 13.52 -10.62 34.10
C GLU A 27 14.68 -9.68 33.83
N LEU A 28 14.75 -9.18 32.60
CA LEU A 28 15.88 -8.37 32.13
C LEU A 28 15.83 -6.93 32.66
N SER A 29 14.62 -6.45 32.93
CA SER A 29 14.40 -5.09 33.44
C SER A 29 13.20 -5.08 34.38
N PRO A 30 13.45 -5.20 35.68
CA PRO A 30 12.37 -5.36 36.68
C PRO A 30 11.37 -4.21 36.71
N ASN A 31 11.84 -2.99 36.41
CA ASN A 31 10.99 -1.80 36.49
C ASN A 31 10.52 -1.28 35.12
N ILE A 32 10.51 -2.13 34.10
CA ILE A 32 9.81 -1.81 32.86
C ILE A 32 8.32 -1.87 33.16
N LYS A 33 7.59 -0.86 32.69
CA LYS A 33 6.15 -0.85 32.84
C LYS A 33 5.56 -1.62 31.67
N ILE A 34 4.54 -2.42 31.95
CA ILE A 34 3.91 -3.27 30.95
C ILE A 34 2.44 -2.94 30.85
N ILE A 35 1.94 -2.82 29.62
CA ILE A 35 0.51 -2.70 29.36
C ILE A 35 0.06 -3.72 28.30
N ARG A 36 -1.02 -4.44 28.62
CA ARG A 36 -1.55 -5.47 27.73
C ARG A 36 -2.88 -5.07 27.11
N LYS A 37 -3.12 -5.53 25.89
CA LYS A 37 -4.43 -5.45 25.24
C LYS A 37 -4.64 -6.66 24.35
N THR A 38 -5.78 -7.31 24.52
CA THR A 38 -6.10 -8.48 23.73
C THR A 38 -7.17 -8.10 22.74
N VAL A 39 -6.93 -8.48 21.49
CA VAL A 39 -7.91 -8.26 20.43
C VAL A 39 -8.35 -9.63 19.93
N PRO A 40 -9.52 -9.72 19.32
CA PRO A 40 -9.99 -11.00 18.78
C PRO A 40 -9.00 -11.61 17.80
N GLY A 41 -8.66 -10.87 16.74
CA GLY A 41 -7.91 -11.41 15.61
C GLY A 41 -6.74 -10.58 15.14
N ILE A 42 -5.92 -11.19 14.29
CA ILE A 42 -4.72 -10.55 13.72
C ILE A 42 -4.96 -9.21 13.00
N LYS A 43 -6.09 -9.09 12.31
CA LYS A 43 -6.48 -7.86 11.63
C LYS A 43 -6.77 -6.71 12.60
N ASP A 44 -6.95 -7.04 13.88
CA ASP A 44 -7.28 -6.02 14.88
C ASP A 44 -6.04 -5.56 15.62
N LEU A 45 -4.89 -6.12 15.24
CA LEU A 45 -3.65 -5.81 15.95
C LEU A 45 -3.12 -4.39 15.71
N PRO A 46 -2.99 -3.94 14.46
CA PRO A 46 -2.35 -2.63 14.19
C PRO A 46 -2.94 -1.41 14.92
N VAL A 47 -4.27 -1.29 14.98
CA VAL A 47 -4.86 -0.13 15.62
C VAL A 47 -4.63 -0.20 17.11
N ALA A 48 -4.73 -1.41 17.66
CA ALA A 48 -4.47 -1.63 19.07
C ALA A 48 -3.04 -1.22 19.38
N CYS A 49 -2.11 -1.68 18.55
CA CYS A 49 -0.71 -1.26 18.69
C CYS A 49 -0.56 0.26 18.61
N LYS A 50 -1.15 0.89 17.59
CA LYS A 50 -1.10 2.35 17.44
C LYS A 50 -1.73 3.12 18.63
N LYS A 51 -2.88 2.65 19.11
CA LYS A 51 -3.53 3.25 20.28
C LYS A 51 -2.64 3.20 21.52
N LEU A 52 -1.92 2.09 21.70
CA LEU A 52 -1.05 1.91 22.85
C LEU A 52 0.15 2.85 22.74
N LEU A 53 0.72 2.93 21.55
CA LEU A 53 1.84 3.81 21.30
C LEU A 53 1.49 5.28 21.58
N GLU A 54 0.32 5.72 21.10
CA GLU A 54 -0.04 7.13 21.08
C GLU A 54 -0.92 7.60 22.25
N GLU A 55 -1.74 6.71 22.81
CA GLU A 55 -2.71 7.10 23.83
C GLU A 55 -2.31 6.62 25.21
N GLU A 56 -1.45 5.61 25.24
CA GLU A 56 -1.05 4.97 26.47
C GLU A 56 0.42 5.17 26.82
N GLY A 57 1.13 6.01 26.08
CA GLY A 57 2.55 6.28 26.30
C GLY A 57 3.50 5.09 26.26
N CYS A 58 3.23 4.14 25.36
CA CYS A 58 4.11 3.00 25.19
C CYS A 58 5.31 3.41 24.33
N ASP A 59 6.50 3.00 24.74
CA ASP A 59 7.71 3.38 24.04
C ASP A 59 7.91 2.48 22.82
N ILE A 60 7.55 1.22 22.99
CA ILE A 60 7.62 0.19 21.95
C ILE A 60 6.40 -0.73 22.18
N VAL A 61 5.98 -1.46 21.15
CA VAL A 61 4.90 -2.45 21.31
C VAL A 61 5.31 -3.80 20.67
N MET A 62 4.84 -4.89 21.29
CA MET A 62 4.96 -6.23 20.71
C MET A 62 3.60 -6.74 20.23
N ALA A 63 3.53 -7.03 18.92
CA ALA A 63 2.36 -7.59 18.28
C ALA A 63 2.50 -9.10 18.20
N LEU A 64 1.59 -9.81 18.87
CA LEU A 64 1.70 -11.26 18.96
C LEU A 64 0.51 -11.95 18.33
N GLY A 65 0.81 -12.88 17.42
CA GLY A 65 -0.21 -13.62 16.70
C GLY A 65 0.27 -14.96 16.15
N MET A 66 -0.69 -15.83 15.83
CA MET A 66 -0.42 -17.19 15.40
C MET A 66 -1.16 -17.52 14.09
N PRO A 67 -0.75 -16.91 12.97
CA PRO A 67 -1.46 -17.09 11.70
C PRO A 67 -1.70 -18.56 11.32
N GLY A 68 -2.81 -18.84 10.62
CA GLY A 68 -3.14 -20.18 10.16
C GLY A 68 -2.29 -20.65 8.98
N LYS A 69 -2.68 -21.79 8.39
CA LYS A 69 -1.93 -22.42 7.30
C LYS A 69 -2.47 -22.07 5.92
N ALA A 70 -3.77 -21.78 5.87
CA ALA A 70 -4.48 -21.52 4.61
C ALA A 70 -3.87 -20.34 3.86
N GLU A 71 -4.06 -20.33 2.54
CA GLU A 71 -3.68 -19.19 1.72
C GLU A 71 -4.41 -17.93 2.18
N LYS A 72 -5.65 -18.10 2.65
CA LYS A 72 -6.46 -17.01 3.17
C LYS A 72 -5.86 -16.42 4.45
N ASP A 73 -5.31 -17.29 5.28
CA ASP A 73 -4.68 -16.89 6.53
C ASP A 73 -3.40 -16.11 6.29
N LYS A 74 -2.71 -16.47 5.20
CA LYS A 74 -1.45 -15.85 4.81
C LYS A 74 -1.68 -14.46 4.24
N VAL A 75 -2.72 -14.32 3.42
CA VAL A 75 -3.12 -13.02 2.87
C VAL A 75 -3.50 -12.08 4.04
N CYS A 76 -4.27 -12.60 5.00
CA CYS A 76 -4.67 -11.87 6.21
C CYS A 76 -3.49 -11.39 7.05
N ALA A 77 -2.54 -12.30 7.29
CA ALA A 77 -1.30 -12.04 8.01
C ALA A 77 -0.46 -10.93 7.34
N HIS A 78 -0.46 -10.95 6.00
CA HIS A 78 0.27 -9.99 5.19
C HIS A 78 -0.34 -8.59 5.32
N GLU A 79 -1.67 -8.52 5.32
CA GLU A 79 -2.41 -7.29 5.56
C GLU A 79 -2.14 -6.78 6.96
N ALA A 80 -2.08 -7.72 7.89
CA ALA A 80 -1.77 -7.39 9.29
C ALA A 80 -0.39 -6.74 9.42
N SER A 81 0.60 -7.34 8.78
CA SER A 81 1.99 -6.88 8.82
C SER A 81 2.22 -5.52 8.18
N LEU A 82 1.45 -5.24 7.14
CA LEU A 82 1.48 -3.93 6.49
C LEU A 82 0.86 -2.85 7.39
N GLY A 83 -0.25 -3.20 8.06
CA GLY A 83 -0.85 -2.35 9.06
C GLY A 83 0.11 -1.99 10.17
N LEU A 84 0.77 -3.01 10.73
CA LEU A 84 1.82 -2.81 11.72
C LEU A 84 2.96 -1.94 11.20
N MET A 85 3.38 -2.17 9.96
CA MET A 85 4.39 -1.30 9.37
C MET A 85 3.91 0.15 9.20
N LEU A 86 2.69 0.36 8.72
CA LEU A 86 2.17 1.74 8.61
C LEU A 86 2.00 2.37 9.99
N ALA A 87 1.57 1.58 10.98
CA ALA A 87 1.37 2.08 12.35
C ALA A 87 2.67 2.63 12.98
N GLN A 88 3.78 1.97 12.69
CA GLN A 88 5.11 2.39 13.13
C GLN A 88 5.62 3.67 12.44
N LEU A 89 5.29 3.85 11.17
CA LEU A 89 5.71 5.05 10.44
C LEU A 89 4.93 6.31 10.85
N MET A 90 3.66 6.13 11.23
CA MET A 90 2.82 7.25 11.64
C MET A 90 3.14 7.69 13.06
N THR A 91 3.73 6.78 13.84
CA THR A 91 4.20 7.08 15.18
C THR A 91 5.61 6.58 15.18
N ASN A 92 6.58 7.47 15.26
CA ASN A 92 7.97 7.09 15.09
C ASN A 92 8.46 6.11 16.16
N LYS A 93 7.71 5.01 16.30
CA LYS A 93 7.95 3.99 17.32
C LYS A 93 7.93 2.59 16.72
N HIS A 94 8.82 1.74 17.21
CA HIS A 94 8.87 0.35 16.81
C HIS A 94 7.68 -0.46 17.31
N ILE A 95 7.25 -1.41 16.49
CA ILE A 95 6.37 -2.49 16.91
C ILE A 95 7.09 -3.75 16.49
N ILE A 96 7.34 -4.64 17.45
CA ILE A 96 8.02 -5.89 17.15
C ILE A 96 6.99 -6.99 16.87
N GLU A 97 7.01 -7.47 15.64
CA GLU A 97 6.04 -8.44 15.18
C GLU A 97 6.52 -9.82 15.60
N VAL A 98 5.68 -10.51 16.37
CA VAL A 98 5.91 -11.90 16.69
C VAL A 98 4.76 -12.69 16.09
N PHE A 99 4.90 -13.01 14.80
CA PHE A 99 3.95 -13.84 14.10
C PHE A 99 4.56 -15.23 13.93
N VAL A 100 3.83 -16.24 14.39
CA VAL A 100 4.27 -17.62 14.27
C VAL A 100 3.21 -18.37 13.47
N HIS A 101 3.48 -18.60 12.19
CA HIS A 101 2.58 -19.36 11.34
C HIS A 101 2.65 -20.82 11.73
N GLU A 102 1.48 -21.46 11.76
CA GLU A 102 1.39 -22.91 11.97
C GLU A 102 2.26 -23.66 10.95
N ASP A 103 2.50 -23.00 9.83
CA ASP A 103 3.42 -23.41 8.76
C ASP A 103 4.83 -23.77 9.20
N GLU A 104 5.29 -23.12 10.27
CA GLU A 104 6.70 -23.15 10.65
C GLU A 104 7.13 -24.34 11.50
N ALA A 105 6.14 -25.04 12.04
CA ALA A 105 6.40 -26.24 12.82
C ALA A 105 5.65 -27.43 12.22
N LYS A 106 6.11 -28.62 12.55
CA LYS A 106 5.32 -29.84 12.37
C LYS A 106 4.69 -30.03 13.74
N ASP A 107 3.54 -30.68 13.78
CA ASP A 107 2.75 -30.84 15.02
C ASP A 107 2.61 -29.60 15.94
N ASP A 108 1.64 -29.69 16.85
CA ASP A 108 1.38 -28.65 17.86
C ASP A 108 2.47 -28.59 18.92
N LYS A 109 3.06 -29.74 19.24
CA LYS A 109 4.12 -29.85 20.22
C LYS A 109 5.23 -28.83 19.88
N GLU A 110 5.80 -28.96 18.69
CA GLU A 110 6.84 -28.05 18.20
C GLU A 110 6.30 -26.63 18.02
N LEU A 111 5.05 -26.52 17.56
CA LEU A 111 4.38 -25.23 17.39
C LEU A 111 4.35 -24.44 18.69
N ASP A 112 3.90 -25.09 19.76
CA ASP A 112 3.84 -24.50 21.10
C ASP A 112 5.20 -24.00 21.56
N TRP A 113 6.21 -24.85 21.40
CA TRP A 113 7.58 -24.56 21.81
C TRP A 113 8.21 -23.41 21.00
N LEU A 114 8.02 -23.42 19.69
CA LEU A 114 8.55 -22.38 18.80
C LEU A 114 7.93 -21.01 19.04
N ALA A 115 6.64 -20.97 19.33
CA ALA A 115 5.95 -19.73 19.66
C ALA A 115 6.54 -19.14 20.93
N LYS A 116 6.71 -20.00 21.94
CA LYS A 116 7.28 -19.66 23.23
C LYS A 116 8.70 -19.09 23.10
N ARG A 117 9.54 -19.79 22.34
CA ARG A 117 10.93 -19.40 22.15
C ARG A 117 11.02 -18.06 21.41
N ARG A 118 10.20 -17.89 20.36
CA ARG A 118 10.15 -16.64 19.61
C ARG A 118 9.69 -15.43 20.45
N ALA A 119 8.65 -15.60 21.25
CA ALA A 119 8.20 -14.56 22.19
C ALA A 119 9.34 -14.12 23.09
N GLU A 120 10.15 -15.08 23.53
CA GLU A 120 11.28 -14.83 24.40
C GLU A 120 12.42 -14.09 23.71
N GLU A 121 12.88 -14.60 22.57
CA GLU A 121 14.01 -13.97 21.88
C GLU A 121 13.66 -12.57 21.39
N HIS A 122 12.40 -12.36 21.00
CA HIS A 122 11.93 -11.05 20.57
C HIS A 122 11.80 -10.10 21.75
N ALA A 123 11.32 -10.61 22.87
CA ALA A 123 11.25 -9.83 24.12
C ALA A 123 12.64 -9.32 24.53
N GLU A 124 13.65 -10.16 24.32
CA GLU A 124 15.05 -9.79 24.49
C GLU A 124 15.48 -8.66 23.55
N ASN A 125 15.09 -8.77 22.28
CA ASN A 125 15.36 -7.74 21.26
C ASN A 125 14.76 -6.41 21.67
N VAL A 126 13.53 -6.47 22.20
CA VAL A 126 12.85 -5.29 22.72
C VAL A 126 13.66 -4.68 23.87
N TYR A 127 14.11 -5.52 24.79
CA TYR A 127 14.98 -5.05 25.86
C TYR A 127 16.22 -4.35 25.31
N TYR A 128 16.84 -4.96 24.29
CA TYR A 128 18.06 -4.40 23.69
C TYR A 128 17.82 -3.07 23.02
N LEU A 129 16.79 -2.99 22.18
CA LEU A 129 16.42 -1.73 21.55
C LEU A 129 16.29 -0.62 22.60
N LEU A 130 15.67 -0.95 23.72
CA LEU A 130 15.41 0.00 24.81
C LEU A 130 16.63 0.40 25.63
N PHE A 131 17.56 -0.52 25.83
CA PHE A 131 18.65 -0.31 26.80
C PHE A 131 20.07 -0.53 26.29
N LYS A 132 20.26 -1.54 25.44
CA LYS A 132 21.59 -1.90 24.94
C LYS A 132 21.65 -1.95 23.40
N PRO A 133 21.28 -0.86 22.72
CA PRO A 133 21.17 -0.87 21.26
C PRO A 133 22.51 -1.18 20.58
N GLU A 134 23.61 -1.02 21.31
CA GLU A 134 24.97 -1.27 20.81
C GLU A 134 25.37 -2.76 20.83
N TYR A 135 24.58 -3.57 21.54
CA TYR A 135 24.73 -5.04 21.47
C TYR A 135 24.18 -5.52 20.14
N LEU A 136 23.11 -4.88 19.67
CA LEU A 136 22.58 -5.25 18.36
C LEU A 136 23.57 -4.94 17.25
N THR A 137 24.28 -3.81 17.37
CA THR A 137 25.33 -3.42 16.42
C THR A 137 26.49 -4.42 16.38
N ARG A 138 26.87 -4.93 17.56
CA ARG A 138 27.87 -5.99 17.69
C ARG A 138 27.43 -7.26 16.93
N MET A 139 26.12 -7.50 16.92
CA MET A 139 25.53 -8.67 16.28
C MET A 139 25.00 -8.42 14.86
N ALA A 140 25.27 -7.24 14.30
CA ALA A 140 24.88 -6.90 12.92
C ALA A 140 25.59 -7.77 11.88
N GLY A 141 24.82 -8.37 10.97
CA GLY A 141 25.35 -9.30 9.98
C GLY A 141 25.69 -10.64 10.60
N LYS A 142 24.95 -10.97 11.66
CA LYS A 142 25.17 -12.16 12.51
C LYS A 142 26.26 -11.95 13.56
N GLY A 143 27.53 -12.04 13.17
CA GLY A 143 28.62 -12.05 14.12
C GLY A 143 29.41 -10.75 14.19
N THR B 2 -21.65 7.26 27.04
CA THR B 2 -22.27 6.08 26.40
C THR B 2 -21.46 5.65 25.19
N LYS B 3 -21.85 4.52 24.59
CA LYS B 3 -21.15 3.95 23.44
C LYS B 3 -21.96 3.99 22.14
N LYS B 4 -21.27 4.18 21.03
CA LYS B 4 -21.87 4.16 19.70
C LYS B 4 -21.15 3.19 18.76
N VAL B 5 -21.92 2.29 18.15
CA VAL B 5 -21.43 1.36 17.13
C VAL B 5 -22.04 1.73 15.79
N GLY B 6 -21.19 1.80 14.76
CA GLY B 6 -21.63 2.05 13.40
C GLY B 6 -21.64 0.72 12.68
N ILE B 7 -22.61 0.52 11.81
CA ILE B 7 -22.77 -0.76 11.12
C ILE B 7 -22.88 -0.55 9.63
N VAL B 8 -21.86 -0.98 8.90
CA VAL B 8 -21.80 -0.78 7.46
C VAL B 8 -21.87 -2.11 6.70
N ASP B 9 -22.89 -2.24 5.87
CA ASP B 9 -23.10 -3.45 5.09
C ASP B 9 -23.34 -3.12 3.62
N THR B 10 -23.77 -4.13 2.86
CA THR B 10 -23.89 -4.00 1.42
C THR B 10 -25.20 -4.51 0.84
N THR B 11 -25.48 -4.10 -0.40
CA THR B 11 -26.62 -4.59 -1.16
C THR B 11 -26.26 -5.88 -1.89
N PHE B 12 -24.99 -6.05 -2.20
CA PHE B 12 -24.44 -7.17 -2.97
C PHE B 12 -24.49 -8.51 -2.22
N ALA B 13 -24.21 -8.47 -0.91
CA ALA B 13 -24.22 -9.66 -0.07
C ALA B 13 -25.60 -10.34 -0.11
N ARG B 14 -25.62 -11.66 0.14
CA ARG B 14 -26.85 -12.46 0.05
C ARG B 14 -27.47 -12.81 1.42
N VAL B 15 -26.74 -12.52 2.49
CA VAL B 15 -27.28 -12.63 3.85
C VAL B 15 -27.31 -11.26 4.50
N ASP B 16 -28.38 -10.96 5.23
CA ASP B 16 -28.43 -9.76 6.05
C ASP B 16 -27.75 -10.08 7.38
N MET B 17 -26.53 -9.56 7.55
CA MET B 17 -25.75 -9.79 8.77
C MET B 17 -25.96 -8.65 9.76
N ALA B 18 -26.34 -7.48 9.24
CA ALA B 18 -26.54 -6.29 10.07
C ALA B 18 -27.62 -6.50 11.13
N SER B 19 -28.69 -7.19 10.76
CA SER B 19 -29.81 -7.47 11.66
C SER B 19 -29.37 -8.42 12.77
N ILE B 20 -28.57 -9.40 12.38
CA ILE B 20 -28.03 -10.40 13.28
C ILE B 20 -27.18 -9.74 14.35
N ALA B 21 -26.36 -8.76 13.95
CA ALA B 21 -25.41 -8.12 14.84
C ALA B 21 -26.04 -7.06 15.75
N ILE B 22 -26.92 -6.22 15.18
CA ILE B 22 -27.67 -5.20 15.93
C ILE B 22 -28.40 -5.85 17.11
N LYS B 23 -29.19 -6.88 16.80
CA LYS B 23 -29.94 -7.65 17.80
C LYS B 23 -29.03 -8.18 18.90
N LYS B 24 -27.94 -8.83 18.50
CA LYS B 24 -26.96 -9.33 19.47
C LYS B 24 -26.49 -8.18 20.36
N LEU B 25 -26.14 -7.07 19.72
CA LEU B 25 -25.57 -5.90 20.41
C LEU B 25 -26.52 -5.31 21.46
N LYS B 26 -27.82 -5.32 21.15
CA LYS B 26 -28.83 -4.69 21.99
C LYS B 26 -29.25 -5.55 23.17
N GLU B 27 -28.99 -6.85 23.08
CA GLU B 27 -29.28 -7.79 24.14
C GLU B 27 -28.19 -7.78 25.24
N LEU B 28 -26.92 -7.70 24.83
CA LEU B 28 -25.79 -7.65 25.76
C LEU B 28 -25.69 -6.30 26.48
N SER B 29 -26.01 -5.23 25.75
CA SER B 29 -25.98 -3.86 26.28
C SER B 29 -27.07 -3.02 25.63
N PRO B 30 -28.27 -3.01 26.23
CA PRO B 30 -29.43 -2.31 25.64
C PRO B 30 -29.30 -0.78 25.48
N ASN B 31 -28.30 -0.16 26.12
CA ASN B 31 -28.10 1.27 25.96
C ASN B 31 -26.98 1.67 24.97
N ILE B 32 -26.55 0.75 24.11
CA ILE B 32 -25.60 1.09 23.03
C ILE B 32 -26.32 1.85 21.91
N LYS B 33 -25.67 2.88 21.38
CA LYS B 33 -26.22 3.61 20.24
C LYS B 33 -25.80 2.96 18.93
N ILE B 34 -26.71 2.95 17.97
CA ILE B 34 -26.47 2.26 16.68
C ILE B 34 -26.78 3.17 15.50
N ILE B 35 -25.79 3.36 14.63
CA ILE B 35 -26.02 4.01 13.34
C ILE B 35 -25.61 3.07 12.20
N ARG B 36 -26.51 2.90 11.24
CA ARG B 36 -26.35 1.99 10.13
C ARG B 36 -26.08 2.73 8.82
N LYS B 37 -25.31 2.12 7.92
CA LYS B 37 -25.05 2.66 6.59
C LYS B 37 -24.84 1.50 5.65
N THR B 38 -25.51 1.55 4.50
CA THR B 38 -25.40 0.50 3.48
C THR B 38 -24.78 1.06 2.20
N VAL B 39 -23.83 0.31 1.64
CA VAL B 39 -23.13 0.70 0.43
C VAL B 39 -23.32 -0.39 -0.63
N PRO B 40 -23.21 -0.04 -1.93
CA PRO B 40 -23.45 -1.04 -2.99
C PRO B 40 -22.60 -2.29 -2.84
N GLY B 41 -21.28 -2.09 -2.68
CA GLY B 41 -20.34 -3.21 -2.65
C GLY B 41 -19.22 -3.06 -1.64
N ILE B 42 -18.45 -4.13 -1.51
CA ILE B 42 -17.40 -4.26 -0.50
C ILE B 42 -16.31 -3.18 -0.56
N LYS B 43 -16.05 -2.65 -1.75
CA LYS B 43 -15.01 -1.64 -1.95
C LYS B 43 -15.47 -0.23 -1.51
N ASP B 44 -16.75 -0.10 -1.18
CA ASP B 44 -17.30 1.17 -0.72
C ASP B 44 -17.35 1.22 0.80
N LEU B 45 -17.04 0.07 1.41
CA LEU B 45 -17.00 -0.06 2.87
C LEU B 45 -15.97 0.83 3.57
N PRO B 46 -14.72 0.87 3.09
CA PRO B 46 -13.70 1.69 3.78
C PRO B 46 -14.09 3.16 4.08
N VAL B 47 -14.50 3.97 3.09
CA VAL B 47 -14.85 5.37 3.40
C VAL B 47 -16.04 5.45 4.34
N ALA B 48 -17.05 4.60 4.11
CA ALA B 48 -18.29 4.69 4.86
C ALA B 48 -18.00 4.46 6.33
N CYS B 49 -17.16 3.45 6.61
CA CYS B 49 -16.71 3.17 7.97
C CYS B 49 -15.95 4.36 8.57
N LYS B 50 -15.00 4.91 7.83
CA LYS B 50 -14.26 6.09 8.30
C LYS B 50 -15.19 7.29 8.58
N LYS B 51 -16.13 7.56 7.67
CA LYS B 51 -17.15 8.61 7.84
C LYS B 51 -17.96 8.44 9.13
N LEU B 52 -18.39 7.21 9.40
CA LEU B 52 -19.19 6.92 10.59
C LEU B 52 -18.35 7.14 11.84
N LEU B 53 -17.08 6.73 11.77
CA LEU B 53 -16.13 6.93 12.85
C LEU B 53 -15.83 8.39 13.12
N GLU B 54 -15.55 9.15 12.06
CA GLU B 54 -15.03 10.51 12.18
C GLU B 54 -16.08 11.61 12.17
N GLU B 55 -17.24 11.31 11.58
CA GLU B 55 -18.30 12.31 11.40
C GLU B 55 -19.55 12.02 12.20
N GLU B 56 -19.83 10.75 12.49
CA GLU B 56 -21.00 10.39 13.30
C GLU B 56 -20.69 9.94 14.74
N GLY B 57 -19.45 10.12 15.17
CA GLY B 57 -19.05 9.83 16.54
C GLY B 57 -19.17 8.38 16.97
N CYS B 58 -18.96 7.46 16.03
CA CYS B 58 -19.00 6.04 16.34
C CYS B 58 -17.69 5.65 17.01
N ASP B 59 -17.80 4.96 18.15
CA ASP B 59 -16.63 4.54 18.93
C ASP B 59 -15.92 3.41 18.23
N ILE B 60 -16.71 2.61 17.53
CA ILE B 60 -16.24 1.44 16.80
C ILE B 60 -17.18 1.26 15.59
N VAL B 61 -16.72 0.54 14.56
CA VAL B 61 -17.60 0.16 13.44
C VAL B 61 -17.49 -1.34 13.11
N MET B 62 -18.59 -1.91 12.61
CA MET B 62 -18.58 -3.26 12.04
C MET B 62 -18.74 -3.15 10.53
N ALA B 63 -17.84 -3.81 9.80
CA ALA B 63 -17.87 -3.81 8.35
C ALA B 63 -18.21 -5.21 7.86
N LEU B 64 -19.37 -5.31 7.21
CA LEU B 64 -19.95 -6.60 6.83
C LEU B 64 -19.97 -6.78 5.33
N GLY B 65 -19.54 -7.95 4.88
CA GLY B 65 -19.52 -8.27 3.47
C GLY B 65 -19.38 -9.77 3.28
N MET B 66 -19.88 -10.25 2.14
CA MET B 66 -19.74 -11.65 1.74
C MET B 66 -19.07 -11.75 0.37
N PRO B 67 -17.74 -11.79 0.34
CA PRO B 67 -17.00 -11.85 -0.93
C PRO B 67 -17.35 -13.09 -1.75
N GLY B 68 -17.18 -12.99 -3.07
CA GLY B 68 -17.37 -14.12 -3.95
C GLY B 68 -16.20 -15.09 -3.95
N LYS B 69 -16.32 -16.13 -4.77
CA LYS B 69 -15.38 -17.24 -4.81
C LYS B 69 -14.27 -17.10 -5.85
N ALA B 70 -14.49 -16.28 -6.88
CA ALA B 70 -13.50 -16.12 -7.94
C ALA B 70 -12.18 -15.53 -7.43
N GLU B 71 -11.10 -15.81 -8.16
CA GLU B 71 -9.78 -15.26 -7.87
C GLU B 71 -9.75 -13.72 -7.90
N LYS B 72 -10.74 -13.13 -8.60
CA LYS B 72 -10.89 -11.68 -8.72
C LYS B 72 -11.73 -11.10 -7.59
N ASP B 73 -12.49 -11.96 -6.92
CA ASP B 73 -13.23 -11.57 -5.73
C ASP B 73 -12.32 -11.49 -4.52
N LYS B 74 -11.29 -12.34 -4.49
CA LYS B 74 -10.33 -12.37 -3.40
C LYS B 74 -9.50 -11.10 -3.36
N VAL B 75 -9.16 -10.59 -4.55
CA VAL B 75 -8.42 -9.34 -4.71
C VAL B 75 -9.25 -8.13 -4.25
N CYS B 76 -10.52 -8.07 -4.65
CA CYS B 76 -11.44 -7.02 -4.22
C CYS B 76 -11.58 -6.97 -2.71
N ALA B 77 -11.82 -8.13 -2.11
CA ALA B 77 -11.87 -8.31 -0.65
C ALA B 77 -10.57 -7.90 0.06
N HIS B 78 -9.43 -8.33 -0.50
CA HIS B 78 -8.10 -7.95 -0.04
C HIS B 78 -7.87 -6.44 -0.21
N GLU B 79 -8.38 -5.89 -1.31
CA GLU B 79 -8.40 -4.44 -1.52
C GLU B 79 -9.16 -3.74 -0.38
N ALA B 80 -10.38 -4.20 -0.14
CA ALA B 80 -11.29 -3.66 0.88
C ALA B 80 -10.72 -3.77 2.30
N SER B 81 -10.16 -4.94 2.63
CA SER B 81 -9.54 -5.18 3.94
C SER B 81 -8.41 -4.21 4.25
N LEU B 82 -7.63 -3.89 3.22
CA LEU B 82 -6.56 -2.90 3.31
C LEU B 82 -7.09 -1.51 3.60
N GLY B 83 -8.11 -1.09 2.85
CA GLY B 83 -8.81 0.15 3.12
C GLY B 83 -9.29 0.21 4.55
N LEU B 84 -9.89 -0.88 5.03
CA LEU B 84 -10.39 -0.96 6.39
C LEU B 84 -9.30 -0.74 7.42
N MET B 85 -8.13 -1.34 7.17
CA MET B 85 -6.99 -1.20 8.05
C MET B 85 -6.44 0.22 8.00
N LEU B 86 -6.34 0.80 6.80
CA LEU B 86 -5.93 2.19 6.66
C LEU B 86 -6.92 3.12 7.41
N ALA B 87 -8.21 2.94 7.17
CA ALA B 87 -9.24 3.74 7.83
C ALA B 87 -9.10 3.73 9.36
N GLN B 88 -8.78 2.57 9.91
CA GLN B 88 -8.55 2.42 11.35
C GLN B 88 -7.31 3.15 11.84
N LEU B 89 -6.20 3.04 11.13
CA LEU B 89 -4.99 3.72 11.59
C LEU B 89 -5.06 5.24 11.45
N MET B 90 -5.92 5.75 10.56
CA MET B 90 -6.12 7.18 10.40
C MET B 90 -7.06 7.71 11.49
N THR B 91 -7.87 6.81 12.04
CA THR B 91 -8.71 7.11 13.19
C THR B 91 -8.27 6.08 14.21
N ASN B 92 -7.86 6.48 15.39
CA ASN B 92 -7.41 5.49 16.36
C ASN B 92 -8.60 4.71 16.90
N LYS B 93 -9.36 4.11 15.98
CA LYS B 93 -10.59 3.37 16.29
C LYS B 93 -10.67 2.04 15.52
N HIS B 94 -11.21 1.02 16.18
CA HIS B 94 -11.32 -0.30 15.59
C HIS B 94 -12.45 -0.36 14.57
N ILE B 95 -12.22 -1.16 13.53
CA ILE B 95 -13.28 -1.61 12.64
C ILE B 95 -13.21 -3.12 12.68
N ILE B 96 -14.28 -3.78 13.09
CA ILE B 96 -14.25 -5.24 13.03
C ILE B 96 -14.75 -5.71 11.67
N GLU B 97 -13.85 -6.32 10.92
CA GLU B 97 -14.16 -6.88 9.60
C GLU B 97 -14.93 -8.17 9.75
N VAL B 98 -16.12 -8.19 9.16
CA VAL B 98 -16.95 -9.39 9.10
C VAL B 98 -17.12 -9.82 7.64
N PHE B 99 -16.07 -10.39 7.05
CA PHE B 99 -16.15 -10.92 5.69
C PHE B 99 -16.39 -12.42 5.72
N VAL B 100 -17.50 -12.86 5.17
CA VAL B 100 -17.77 -14.30 5.05
C VAL B 100 -17.70 -14.65 3.56
N HIS B 101 -16.60 -15.27 3.16
CA HIS B 101 -16.38 -15.64 1.76
C HIS B 101 -17.36 -16.74 1.34
N GLU B 102 -17.58 -16.83 0.03
CA GLU B 102 -18.49 -17.79 -0.56
C GLU B 102 -18.03 -19.24 -0.36
N ASP B 103 -16.74 -19.49 -0.55
CA ASP B 103 -16.17 -20.83 -0.40
C ASP B 103 -16.11 -21.40 1.04
N GLU B 104 -16.35 -20.55 2.04
CA GLU B 104 -16.22 -20.95 3.45
C GLU B 104 -17.29 -21.92 3.93
N ALA B 105 -18.29 -22.15 3.08
CA ALA B 105 -19.34 -23.14 3.34
C ALA B 105 -19.61 -24.01 2.10
N LYS B 106 -20.24 -25.16 2.32
CA LYS B 106 -20.42 -26.18 1.27
C LYS B 106 -21.55 -25.86 0.29
N ASP B 107 -22.60 -25.21 0.80
CA ASP B 107 -23.74 -24.80 -0.01
C ASP B 107 -24.30 -23.48 0.50
N ASP B 108 -25.50 -23.12 0.03
CA ASP B 108 -26.19 -21.89 0.42
C ASP B 108 -26.72 -21.93 1.84
N LYS B 109 -27.33 -23.05 2.20
CA LYS B 109 -27.92 -23.23 3.53
C LYS B 109 -26.87 -23.08 4.63
N GLU B 110 -25.68 -23.64 4.39
CA GLU B 110 -24.56 -23.51 5.32
C GLU B 110 -24.01 -22.09 5.40
N LEU B 111 -23.87 -21.47 4.22
CA LEU B 111 -23.39 -20.09 4.10
C LEU B 111 -24.25 -19.11 4.88
N ASP B 112 -25.57 -19.28 4.79
CA ASP B 112 -26.48 -18.43 5.57
C ASP B 112 -26.30 -18.62 7.08
N TRP B 113 -26.15 -19.87 7.51
CA TRP B 113 -25.94 -20.18 8.92
C TRP B 113 -24.58 -19.68 9.39
N LEU B 114 -23.55 -19.89 8.58
CA LEU B 114 -22.21 -19.41 8.91
C LEU B 114 -22.17 -17.87 9.05
N ALA B 115 -22.79 -17.17 8.12
CA ALA B 115 -22.82 -15.71 8.12
C ALA B 115 -23.57 -15.17 9.33
N LYS B 116 -24.72 -15.78 9.63
CA LYS B 116 -25.46 -15.52 10.87
C LYS B 116 -24.60 -15.71 12.13
N ARG B 117 -23.95 -16.87 12.23
CA ARG B 117 -23.09 -17.16 13.37
C ARG B 117 -21.97 -16.13 13.50
N ARG B 118 -21.28 -15.87 12.40
CA ARG B 118 -20.13 -14.96 12.38
C ARG B 118 -20.50 -13.53 12.76
N ALA B 119 -21.64 -13.03 12.27
CA ALA B 119 -22.09 -11.66 12.56
C ALA B 119 -22.40 -11.48 14.04
N GLU B 120 -22.98 -12.52 14.63
CA GLU B 120 -23.29 -12.59 16.05
C GLU B 120 -22.05 -12.63 16.90
N GLU B 121 -21.07 -13.42 16.48
CA GLU B 121 -19.84 -13.61 17.24
C GLU B 121 -18.98 -12.36 17.24
N HIS B 122 -18.96 -11.66 16.12
CA HIS B 122 -18.18 -10.43 16.03
C HIS B 122 -18.87 -9.31 16.83
N ALA B 123 -20.20 -9.37 16.89
CA ALA B 123 -20.97 -8.44 17.72
C ALA B 123 -20.65 -8.64 19.20
N GLU B 124 -20.48 -9.91 19.60
CA GLU B 124 -20.03 -10.24 20.94
C GLU B 124 -18.67 -9.57 21.22
N ASN B 125 -17.74 -9.71 20.26
CA ASN B 125 -16.40 -9.15 20.38
C ASN B 125 -16.40 -7.64 20.49
N VAL B 126 -17.30 -7.01 19.73
CA VAL B 126 -17.53 -5.57 19.81
C VAL B 126 -17.97 -5.19 21.22
N TYR B 127 -18.95 -5.93 21.77
CA TYR B 127 -19.38 -5.72 23.15
C TYR B 127 -18.23 -5.80 24.15
N TYR B 128 -17.41 -6.87 24.08
CA TYR B 128 -16.27 -7.06 24.98
C TYR B 128 -15.29 -5.90 24.86
N LEU B 129 -14.94 -5.55 23.63
CA LEU B 129 -14.01 -4.43 23.38
C LEU B 129 -14.51 -3.10 23.95
N LEU B 130 -15.83 -2.92 23.96
CA LEU B 130 -16.44 -1.70 24.48
C LEU B 130 -16.52 -1.68 26.01
N PHE B 131 -16.92 -2.81 26.60
CA PHE B 131 -17.32 -2.85 28.01
C PHE B 131 -16.50 -3.74 28.94
N LYS B 132 -15.92 -4.81 28.40
CA LYS B 132 -15.02 -5.65 29.21
C LYS B 132 -13.76 -6.11 28.47
N PRO B 133 -12.84 -5.17 28.19
CA PRO B 133 -11.62 -5.44 27.41
C PRO B 133 -10.75 -6.53 28.05
N GLU B 134 -10.79 -6.60 29.38
CA GLU B 134 -9.99 -7.55 30.15
C GLU B 134 -10.59 -8.97 30.12
N TYR B 135 -11.78 -9.09 29.53
CA TYR B 135 -12.41 -10.40 29.34
C TYR B 135 -11.86 -11.09 28.08
N LEU B 136 -11.37 -10.30 27.13
CA LEU B 136 -10.67 -10.86 25.97
C LEU B 136 -9.30 -11.39 26.39
N THR B 137 -8.70 -10.74 27.38
CA THR B 137 -7.40 -11.13 27.93
C THR B 137 -7.43 -12.51 28.60
N ARG B 138 -8.53 -12.83 29.28
CA ARG B 138 -8.69 -14.12 29.96
C ARG B 138 -8.58 -15.28 28.98
N MET B 139 -9.05 -15.05 27.75
CA MET B 139 -8.99 -16.05 26.70
C MET B 139 -7.87 -15.79 25.72
N ALA B 140 -6.89 -14.98 26.11
CA ALA B 140 -5.78 -14.64 25.24
C ALA B 140 -4.86 -15.82 24.92
N GLY B 141 -4.54 -15.96 23.63
CA GLY B 141 -3.57 -16.94 23.18
C GLY B 141 -4.44 -18.43 23.57
N LYS B 142 -4.49 -19.82 22.73
CA LYS B 142 -4.89 -20.42 24.00
C LYS B 142 -6.39 -20.20 24.25
N THR C 2 0.42 23.89 -18.20
CA THR C 2 1.20 24.81 -17.23
C THR C 2 2.70 24.82 -17.41
N LYS C 3 3.34 25.76 -16.73
CA LYS C 3 4.73 26.16 -17.00
C LYS C 3 5.82 25.10 -16.76
N LYS C 4 5.67 24.26 -15.73
CA LYS C 4 6.78 23.40 -15.30
C LYS C 4 6.52 21.90 -15.25
N VAL C 5 7.43 21.15 -15.85
CA VAL C 5 7.42 19.69 -15.86
C VAL C 5 8.72 19.11 -15.28
N GLY C 6 8.58 18.10 -14.42
CA GLY C 6 9.73 17.38 -13.89
C GLY C 6 9.84 16.05 -14.61
N ILE C 7 11.06 15.64 -14.91
CA ILE C 7 11.30 14.32 -15.51
C ILE C 7 12.31 13.56 -14.67
N VAL C 8 11.87 12.41 -14.16
CA VAL C 8 12.70 11.55 -13.32
C VAL C 8 12.94 10.20 -14.00
N ASP C 9 14.22 9.89 -14.17
CA ASP C 9 14.59 8.65 -14.83
C ASP C 9 15.66 7.97 -13.99
N THR C 10 16.21 6.89 -14.52
CA THR C 10 17.15 6.07 -13.75
C THR C 10 18.43 5.74 -14.55
N THR C 11 19.44 5.26 -13.84
CA THR C 11 20.65 4.70 -14.43
C THR C 11 20.45 3.20 -14.74
N PHE C 12 19.55 2.56 -14.00
CA PHE C 12 19.18 1.16 -14.19
C PHE C 12 18.64 0.88 -15.59
N ALA C 13 17.73 1.73 -16.05
CA ALA C 13 17.12 1.58 -17.37
C ALA C 13 18.18 1.42 -18.46
N ARG C 14 17.81 0.68 -19.50
CA ARG C 14 18.75 0.34 -20.55
C ARG C 14 18.53 1.18 -21.82
N VAL C 15 17.50 2.02 -21.79
CA VAL C 15 17.25 2.99 -22.86
C VAL C 15 17.04 4.37 -22.26
N ASP C 16 17.69 5.38 -22.83
CA ASP C 16 17.49 6.76 -22.41
C ASP C 16 16.11 7.19 -22.91
N MET C 17 15.18 7.34 -21.97
CA MET C 17 13.79 7.70 -22.28
C MET C 17 13.54 9.20 -22.19
N ALA C 18 14.37 9.89 -21.40
CA ALA C 18 14.19 11.33 -21.11
C ALA C 18 14.39 12.28 -22.28
N SER C 19 15.38 12.01 -23.14
CA SER C 19 15.72 12.94 -24.21
C SER C 19 14.56 13.14 -25.20
N ILE C 20 13.91 12.04 -25.57
CA ILE C 20 12.78 12.04 -26.50
C ILE C 20 11.52 12.70 -25.92
N ALA C 21 11.33 12.55 -24.62
CA ALA C 21 10.20 13.15 -23.94
C ALA C 21 10.41 14.66 -23.85
N ILE C 22 11.65 15.05 -23.51
CA ILE C 22 12.10 16.45 -23.47
C ILE C 22 11.92 17.13 -24.83
N LYS C 23 12.37 16.45 -25.89
CA LYS C 23 12.26 16.96 -27.26
C LYS C 23 10.80 17.14 -27.68
N LYS C 24 9.97 16.15 -27.37
CA LYS C 24 8.53 16.24 -27.63
C LYS C 24 7.92 17.44 -26.92
N LEU C 25 8.27 17.61 -25.66
CA LEU C 25 7.70 18.67 -24.82
C LEU C 25 8.01 20.07 -25.37
N LYS C 26 9.29 20.31 -25.68
CA LYS C 26 9.75 21.59 -26.23
C LYS C 26 9.17 21.87 -27.63
N GLU C 27 9.00 20.82 -28.43
CA GLU C 27 8.36 20.87 -29.74
C GLU C 27 6.89 21.34 -29.66
N LEU C 28 6.13 20.80 -28.72
CA LEU C 28 4.73 21.20 -28.53
C LEU C 28 4.56 22.56 -27.83
N SER C 29 5.44 22.86 -26.88
CA SER C 29 5.39 24.12 -26.12
C SER C 29 6.82 24.62 -25.91
N PRO C 30 7.33 25.41 -26.86
CA PRO C 30 8.74 25.83 -26.89
C PRO C 30 9.29 26.50 -25.63
N ASN C 31 8.46 27.21 -24.89
CA ASN C 31 8.89 27.93 -23.71
C ASN C 31 8.70 27.15 -22.39
N ILE C 32 8.24 25.90 -22.48
CA ILE C 32 8.02 25.06 -21.31
C ILE C 32 9.30 24.93 -20.46
N LYS C 33 9.15 25.03 -19.14
CA LYS C 33 10.29 24.80 -18.24
C LYS C 33 10.44 23.31 -17.97
N ILE C 34 11.68 22.82 -17.97
CA ILE C 34 11.97 21.40 -17.71
C ILE C 34 13.03 21.24 -16.63
N ILE C 35 12.81 20.28 -15.75
CA ILE C 35 13.75 19.94 -14.68
C ILE C 35 13.89 18.42 -14.66
N ARG C 36 15.13 17.96 -14.56
CA ARG C 36 15.50 16.55 -14.62
C ARG C 36 16.21 16.14 -13.34
N LYS C 37 15.86 14.96 -12.84
CA LYS C 37 16.61 14.27 -11.80
C LYS C 37 16.68 12.83 -12.22
N THR C 38 17.86 12.25 -12.04
CA THR C 38 18.11 10.84 -12.30
C THR C 38 18.41 10.16 -10.97
N VAL C 39 17.77 9.03 -10.75
CA VAL C 39 18.00 8.24 -9.56
C VAL C 39 18.56 6.89 -10.02
N PRO C 40 19.13 6.09 -9.12
CA PRO C 40 19.68 4.78 -9.50
C PRO C 40 18.63 3.80 -10.03
N GLY C 41 17.56 3.59 -9.26
CA GLY C 41 16.59 2.56 -9.55
C GLY C 41 15.16 3.04 -9.59
N ILE C 42 14.27 2.09 -9.86
CA ILE C 42 12.85 2.37 -9.99
C ILE C 42 12.18 2.63 -8.64
N LYS C 43 12.70 2.03 -7.57
CA LYS C 43 12.22 2.23 -6.21
C LYS C 43 12.65 3.58 -5.65
N ASP C 44 13.57 4.26 -6.33
CA ASP C 44 14.00 5.60 -5.91
C ASP C 44 13.18 6.69 -6.59
N LEU C 45 12.31 6.28 -7.52
CA LEU C 45 11.48 7.21 -8.28
C LEU C 45 10.45 8.00 -7.46
N PRO C 46 9.64 7.34 -6.63
CA PRO C 46 8.59 8.02 -5.87
C PRO C 46 8.97 9.30 -5.10
N VAL C 47 10.05 9.29 -4.32
CA VAL C 47 10.42 10.46 -3.53
C VAL C 47 11.02 11.57 -4.38
N ALA C 48 11.82 11.19 -5.37
CA ALA C 48 12.41 12.16 -6.29
C ALA C 48 11.27 12.90 -7.01
N CYS C 49 10.29 12.13 -7.48
CA CYS C 49 9.08 12.68 -8.09
C CYS C 49 8.36 13.65 -7.15
N LYS C 50 8.16 13.23 -5.89
CA LYS C 50 7.47 14.05 -4.90
C LYS C 50 8.22 15.36 -4.56
N LYS C 51 9.53 15.28 -4.39
CA LYS C 51 10.34 16.48 -4.18
C LYS C 51 10.26 17.47 -5.34
N LEU C 52 10.24 16.96 -6.57
CA LEU C 52 10.12 17.82 -7.75
C LEU C 52 8.78 18.55 -7.76
N LEU C 53 7.71 17.85 -7.36
CA LEU C 53 6.38 18.45 -7.27
C LEU C 53 6.29 19.46 -6.13
N GLU C 54 6.94 19.15 -5.02
CA GLU C 54 6.77 19.97 -3.82
C GLU C 54 7.85 21.03 -3.60
N GLU C 55 9.08 20.75 -4.03
CA GLU C 55 10.21 21.62 -3.69
C GLU C 55 10.82 22.32 -4.91
N GLU C 56 10.44 21.89 -6.10
CA GLU C 56 10.94 22.49 -7.32
C GLU C 56 9.82 23.10 -8.14
N GLY C 57 8.62 23.08 -7.56
CA GLY C 57 7.43 23.69 -8.15
C GLY C 57 6.99 23.18 -9.51
N CYS C 58 7.15 21.89 -9.76
CA CYS C 58 6.67 21.28 -11.00
C CYS C 58 5.17 21.11 -10.95
N ASP C 59 4.51 21.43 -12.06
CA ASP C 59 3.06 21.21 -12.17
C ASP C 59 2.74 19.72 -12.37
N ILE C 60 3.67 19.00 -12.99
CA ILE C 60 3.48 17.59 -13.32
C ILE C 60 4.84 16.93 -13.43
N VAL C 61 4.87 15.60 -13.27
CA VAL C 61 6.10 14.84 -13.44
C VAL C 61 5.91 13.61 -14.35
N MET C 62 6.95 13.31 -15.12
CA MET C 62 7.03 12.04 -15.84
C MET C 62 8.02 11.17 -15.09
N ALA C 63 7.56 9.99 -14.69
CA ALA C 63 8.41 9.03 -14.00
C ALA C 63 8.79 7.92 -14.97
N LEU C 64 10.06 7.89 -15.36
CA LEU C 64 10.52 6.94 -16.39
C LEU C 64 11.36 5.82 -15.80
N GLY C 65 10.95 4.58 -16.07
CA GLY C 65 11.67 3.41 -15.61
C GLY C 65 11.50 2.19 -16.50
N MET C 66 12.38 1.21 -16.30
CA MET C 66 12.34 -0.02 -17.06
C MET C 66 12.55 -1.21 -16.14
N PRO C 67 11.46 -1.83 -15.73
CA PRO C 67 11.54 -3.06 -14.94
C PRO C 67 12.26 -4.17 -15.72
N GLY C 68 13.07 -4.96 -15.02
CA GLY C 68 13.75 -6.11 -15.60
C GLY C 68 12.77 -7.23 -15.88
N LYS C 69 13.30 -8.44 -16.09
CA LYS C 69 12.52 -9.58 -16.57
C LYS C 69 12.03 -10.55 -15.48
N ALA C 70 12.83 -10.68 -14.42
CA ALA C 70 12.54 -11.60 -13.32
C ALA C 70 11.26 -11.22 -12.54
N GLU C 71 10.65 -12.22 -11.92
CA GLU C 71 9.45 -12.04 -11.10
C GLU C 71 9.73 -11.21 -9.84
N LYS C 72 10.97 -10.78 -9.69
CA LYS C 72 11.40 -9.95 -8.57
C LYS C 72 11.48 -8.47 -8.97
N ASP C 73 11.80 -8.21 -10.23
CA ASP C 73 11.73 -6.88 -10.81
C ASP C 73 10.25 -6.49 -11.00
N LYS C 74 9.42 -7.49 -11.25
CA LYS C 74 7.98 -7.34 -11.31
C LYS C 74 7.41 -6.80 -9.99
N VAL C 75 7.95 -7.29 -8.87
CA VAL C 75 7.52 -6.86 -7.55
C VAL C 75 8.04 -5.46 -7.25
N CYS C 76 9.32 -5.21 -7.57
CA CYS C 76 9.92 -3.87 -7.50
C CYS C 76 9.08 -2.80 -8.22
N ALA C 77 8.64 -3.09 -9.46
CA ALA C 77 7.81 -2.13 -10.23
C ALA C 77 6.43 -1.88 -9.62
N HIS C 78 5.80 -2.94 -9.12
CA HIS C 78 4.52 -2.85 -8.42
C HIS C 78 4.68 -1.95 -7.18
N GLU C 79 5.74 -2.22 -6.42
CA GLU C 79 6.12 -1.39 -5.27
C GLU C 79 6.31 0.05 -5.73
N ALA C 80 7.09 0.23 -6.79
CA ALA C 80 7.36 1.58 -7.33
C ALA C 80 6.11 2.27 -7.86
N SER C 81 5.15 1.50 -8.40
CA SER C 81 3.90 2.09 -8.93
C SER C 81 2.95 2.64 -7.87
N LEU C 82 2.79 1.88 -6.78
CA LEU C 82 2.01 2.34 -5.63
C LEU C 82 2.63 3.62 -5.04
N GLY C 83 3.94 3.60 -4.84
CA GLY C 83 4.70 4.77 -4.43
C GLY C 83 4.36 5.98 -5.29
N LEU C 84 4.40 5.80 -6.61
CA LEU C 84 4.02 6.87 -7.53
C LEU C 84 2.60 7.34 -7.27
N MET C 85 1.67 6.42 -7.07
CA MET C 85 0.27 6.79 -6.81
C MET C 85 0.12 7.56 -5.50
N LEU C 86 0.86 7.13 -4.49
CA LEU C 86 0.81 7.75 -3.17
C LEU C 86 1.40 9.15 -3.18
N ALA C 87 2.48 9.34 -3.94
CA ALA C 87 3.10 10.64 -4.13
C ALA C 87 2.13 11.61 -4.83
N GLN C 88 1.40 11.11 -5.81
CA GLN C 88 0.34 11.88 -6.46
C GLN C 88 -0.78 12.27 -5.49
N LEU C 89 -1.23 11.35 -4.66
CA LEU C 89 -2.33 11.67 -3.76
C LEU C 89 -1.95 12.62 -2.62
N MET C 90 -0.68 12.61 -2.22
CA MET C 90 -0.17 13.50 -1.18
C MET C 90 -0.06 14.94 -1.67
N THR C 91 0.44 15.09 -2.90
CA THR C 91 0.31 16.33 -3.65
C THR C 91 -1.01 16.15 -4.41
N ASN C 92 -1.60 17.20 -4.91
CA ASN C 92 -2.73 16.97 -5.80
C ASN C 92 -2.24 17.14 -7.25
N LYS C 93 -1.28 16.30 -7.65
CA LYS C 93 -0.55 16.51 -8.89
C LYS C 93 -0.25 15.20 -9.58
N HIS C 94 -0.39 15.20 -10.90
CA HIS C 94 -0.19 14.00 -11.71
C HIS C 94 1.28 13.64 -11.78
N ILE C 95 1.54 12.35 -11.70
CA ILE C 95 2.80 11.78 -12.13
C ILE C 95 2.41 10.80 -13.21
N ILE C 96 2.88 11.05 -14.43
CA ILE C 96 2.66 10.10 -15.53
C ILE C 96 3.72 9.00 -15.47
N GLU C 97 3.31 7.79 -15.12
CA GLU C 97 4.23 6.66 -15.04
C GLU C 97 4.60 6.12 -16.42
N VAL C 98 5.88 6.20 -16.78
CA VAL C 98 6.35 5.61 -18.03
C VAL C 98 7.31 4.43 -17.77
N PHE C 99 6.72 3.26 -17.53
CA PHE C 99 7.46 2.03 -17.30
C PHE C 99 7.45 1.17 -18.54
N VAL C 100 8.64 0.83 -19.03
CA VAL C 100 8.75 -0.13 -20.12
C VAL C 100 9.43 -1.40 -19.62
N HIS C 101 8.66 -2.44 -19.32
CA HIS C 101 9.23 -3.73 -18.93
C HIS C 101 10.08 -4.30 -20.05
N GLU C 102 11.18 -4.98 -19.69
CA GLU C 102 12.05 -5.58 -20.68
C GLU C 102 11.38 -6.75 -21.41
N ASP C 103 10.36 -7.35 -20.78
CA ASP C 103 9.64 -8.50 -21.36
C ASP C 103 8.76 -8.16 -22.57
N GLU C 104 8.54 -6.87 -22.79
CA GLU C 104 7.62 -6.41 -23.82
C GLU C 104 8.23 -6.36 -25.22
N ALA C 105 9.56 -6.30 -25.29
CA ALA C 105 10.29 -6.31 -26.55
C ALA C 105 10.97 -7.67 -26.79
N LYS C 106 11.20 -8.00 -28.07
CA LYS C 106 11.71 -9.31 -28.49
C LYS C 106 13.23 -9.32 -28.72
N ASP C 107 13.82 -8.12 -28.72
CA ASP C 107 15.28 -7.91 -28.83
C ASP C 107 15.55 -6.48 -28.35
N ASP C 108 16.79 -6.02 -28.45
CA ASP C 108 17.14 -4.70 -27.93
C ASP C 108 16.71 -3.56 -28.86
N LYS C 109 16.72 -3.82 -30.16
CA LYS C 109 16.29 -2.86 -31.16
C LYS C 109 14.83 -2.48 -30.95
N GLU C 110 13.99 -3.48 -30.68
CA GLU C 110 12.58 -3.26 -30.37
C GLU C 110 12.39 -2.47 -29.08
N LEU C 111 13.20 -2.79 -28.07
CA LEU C 111 13.12 -2.16 -26.75
C LEU C 111 13.52 -0.69 -26.74
N ASP C 112 14.53 -0.36 -27.54
CA ASP C 112 14.91 1.02 -27.77
C ASP C 112 13.75 1.75 -28.45
N TRP C 113 13.20 1.12 -29.50
CA TRP C 113 12.04 1.64 -30.22
C TRP C 113 10.82 1.84 -29.32
N LEU C 114 10.43 0.77 -28.62
CA LEU C 114 9.25 0.79 -27.74
C LEU C 114 9.33 1.82 -26.64
N ALA C 115 10.49 1.88 -25.96
CA ALA C 115 10.67 2.81 -24.84
C ALA C 115 10.61 4.27 -25.29
N LYS C 116 11.25 4.56 -26.43
CA LYS C 116 11.27 5.91 -27.01
C LYS C 116 9.87 6.36 -27.43
N ARG C 117 9.12 5.44 -28.03
CA ARG C 117 7.76 5.73 -28.51
C ARG C 117 6.78 5.97 -27.36
N ARG C 118 6.75 5.05 -26.40
CA ARG C 118 5.95 5.19 -25.18
C ARG C 118 6.23 6.52 -24.47
N ALA C 119 7.51 6.89 -24.38
CA ALA C 119 7.95 8.15 -23.76
C ALA C 119 7.38 9.37 -24.48
N GLU C 120 7.50 9.35 -25.80
CA GLU C 120 7.02 10.43 -26.66
C GLU C 120 5.51 10.63 -26.54
N GLU C 121 4.77 9.53 -26.59
CA GLU C 121 3.30 9.58 -26.58
C GLU C 121 2.78 10.04 -25.23
N HIS C 122 3.49 9.65 -24.17
CA HIS C 122 3.16 10.08 -22.84
C HIS C 122 3.52 11.55 -22.66
N ALA C 123 4.58 11.98 -23.33
CA ALA C 123 4.99 13.38 -23.37
C ALA C 123 3.89 14.22 -24.03
N GLU C 124 3.27 13.68 -25.06
CA GLU C 124 2.11 14.30 -25.70
C GLU C 124 0.92 14.34 -24.73
N ASN C 125 0.73 13.26 -23.95
CA ASN C 125 -0.32 13.23 -22.95
C ASN C 125 -0.18 14.32 -21.88
N VAL C 126 1.07 14.58 -21.48
CA VAL C 126 1.38 15.66 -20.56
C VAL C 126 0.97 17.01 -21.13
N TYR C 127 1.34 17.26 -22.39
CA TYR C 127 0.98 18.49 -23.09
C TYR C 127 -0.52 18.78 -22.96
N TYR C 128 -1.33 17.77 -23.31
CA TYR C 128 -2.79 17.88 -23.23
C TYR C 128 -3.29 18.11 -21.81
N LEU C 129 -2.72 17.39 -20.85
CA LEU C 129 -3.12 17.54 -19.45
C LEU C 129 -2.83 18.95 -18.93
N LEU C 130 -1.72 19.52 -19.39
CA LEU C 130 -1.29 20.86 -19.02
C LEU C 130 -2.06 21.97 -19.74
N PHE C 131 -2.38 21.74 -21.02
CA PHE C 131 -2.80 22.83 -21.89
C PHE C 131 -4.14 22.62 -22.59
N LYS C 132 -4.48 21.37 -22.85
CA LYS C 132 -5.63 21.03 -23.68
C LYS C 132 -6.40 19.79 -23.12
N PRO C 133 -6.86 19.87 -21.88
CA PRO C 133 -7.46 18.69 -21.22
C PRO C 133 -8.85 18.29 -21.75
N GLU C 134 -9.49 19.17 -22.52
CA GLU C 134 -10.78 18.87 -23.15
C GLU C 134 -10.62 17.95 -24.35
N TYR C 135 -9.41 17.91 -24.92
CA TYR C 135 -9.13 17.02 -26.04
C TYR C 135 -9.09 15.56 -25.59
N LEU C 136 -8.57 15.32 -24.38
CA LEU C 136 -8.55 13.98 -23.81
C LEU C 136 -9.96 13.44 -23.58
N THR C 137 -10.89 14.33 -23.27
CA THR C 137 -12.32 13.99 -23.23
C THR C 137 -12.87 13.57 -24.60
N ARG C 138 -12.35 14.20 -25.66
CA ARG C 138 -12.72 13.84 -27.04
C ARG C 138 -12.32 12.41 -27.35
N MET C 139 -11.23 11.96 -26.74
CA MET C 139 -10.66 10.64 -26.96
C MET C 139 -11.02 9.70 -25.82
N ALA C 140 -11.98 10.10 -25.01
CA ALA C 140 -12.49 9.25 -23.94
C ALA C 140 -13.16 8.02 -24.54
N GLY C 141 -12.68 6.84 -24.15
CA GLY C 141 -13.28 5.60 -24.59
C GLY C 141 -12.82 5.13 -25.96
N LYS C 142 -11.76 5.73 -26.49
CA LYS C 142 -11.25 5.37 -27.80
C LYS C 142 -10.06 4.39 -27.71
N GLY C 143 -9.36 4.17 -28.82
CA GLY C 143 -8.39 3.10 -28.84
C GLY C 143 -7.00 3.32 -28.26
N LEU C 144 -6.81 4.40 -27.51
CA LEU C 144 -5.49 4.99 -27.27
C LEU C 144 -4.50 4.16 -26.47
N ARG C 145 -3.31 4.01 -27.04
CA ARG C 145 -2.20 3.29 -26.41
C ARG C 145 -0.89 4.08 -26.54
N GLN C 146 0.03 3.84 -25.62
CA GLN C 146 1.33 4.48 -25.65
C GLN C 146 2.38 3.41 -25.85
N GLY C 147 3.15 3.55 -26.95
CA GLY C 147 4.16 2.57 -27.32
C GLY C 147 3.63 1.71 -28.45
N PHE C 148 2.88 0.67 -28.09
CA PHE C 148 2.15 -0.16 -29.05
C PHE C 148 1.01 0.61 -29.73
N GLU C 149 0.58 0.14 -30.89
CA GLU C 149 -0.41 0.84 -31.70
C GLU C 149 -1.75 0.89 -30.98
N ASP C 150 -2.49 1.96 -31.24
CA ASP C 150 -3.79 2.16 -30.61
C ASP C 150 -4.70 0.94 -30.83
N ALA C 151 -5.32 0.47 -29.75
CA ALA C 151 -6.19 -0.71 -29.80
C ALA C 151 -7.53 -0.45 -30.52
N GLY C 152 -7.92 0.82 -30.61
CA GLY C 152 -9.20 1.22 -31.18
C GLY C 152 -10.39 0.98 -30.24
N PRO C 153 -11.49 1.69 -30.46
CA PRO C 153 -12.74 1.42 -29.72
C PRO C 153 -13.37 0.12 -30.19
N LYS D 3 -26.54 18.85 -6.04
CA LYS D 3 -25.28 18.11 -5.71
C LYS D 3 -24.36 18.00 -6.91
N LYS D 4 -23.08 17.77 -6.64
CA LYS D 4 -22.06 17.71 -7.66
C LYS D 4 -21.41 16.33 -7.71
N VAL D 5 -21.43 15.74 -8.90
CA VAL D 5 -20.78 14.46 -9.18
C VAL D 5 -19.64 14.67 -10.16
N GLY D 6 -18.46 14.14 -9.82
CA GLY D 6 -17.33 14.10 -10.73
C GLY D 6 -17.26 12.75 -11.45
N ILE D 7 -16.90 12.79 -12.73
CA ILE D 7 -16.77 11.58 -13.54
C ILE D 7 -15.43 11.62 -14.23
N VAL D 8 -14.65 10.58 -13.97
CA VAL D 8 -13.28 10.48 -14.47
C VAL D 8 -13.18 9.19 -15.29
N ASP D 9 -12.88 9.39 -16.58
CA ASP D 9 -12.72 8.28 -17.51
C ASP D 9 -11.34 8.37 -18.20
N THR D 10 -11.08 7.45 -19.12
CA THR D 10 -9.77 7.30 -19.73
C THR D 10 -9.88 7.24 -21.25
N THR D 11 -8.79 7.60 -21.94
CA THR D 11 -8.66 7.37 -23.39
C THR D 11 -8.28 5.91 -23.69
N PHE D 12 -7.72 5.24 -22.68
CA PHE D 12 -7.31 3.84 -22.79
C PHE D 12 -8.51 2.90 -23.01
N ALA D 13 -9.55 3.10 -22.19
CA ALA D 13 -10.82 2.38 -22.32
C ALA D 13 -11.24 2.28 -23.78
N ARG D 14 -11.75 1.11 -24.16
CA ARG D 14 -12.16 0.86 -25.54
C ARG D 14 -13.66 1.08 -25.70
N VAL D 15 -14.28 1.65 -24.66
CA VAL D 15 -15.73 1.94 -24.64
C VAL D 15 -16.00 3.19 -23.80
N ASP D 16 -16.78 4.10 -24.36
CA ASP D 16 -17.30 5.26 -23.62
C ASP D 16 -18.41 4.86 -22.66
N MET D 17 -18.08 4.88 -21.37
CA MET D 17 -19.03 4.62 -20.28
C MET D 17 -19.62 5.93 -19.73
N ALA D 18 -18.89 7.02 -19.92
CA ALA D 18 -19.28 8.33 -19.36
C ALA D 18 -20.64 8.82 -19.85
N SER D 19 -20.84 8.86 -21.16
CA SER D 19 -22.08 9.43 -21.72
C SER D 19 -23.35 8.78 -21.13
N ILE D 20 -23.31 7.46 -20.92
CA ILE D 20 -24.47 6.77 -20.33
C ILE D 20 -24.59 6.98 -18.81
N ALA D 21 -23.46 7.17 -18.13
CA ALA D 21 -23.49 7.53 -16.71
C ALA D 21 -24.16 8.90 -16.53
N ILE D 22 -23.66 9.90 -17.26
CA ILE D 22 -24.23 11.27 -17.28
C ILE D 22 -25.75 11.21 -17.49
N LYS D 23 -26.14 10.60 -18.61
CA LYS D 23 -27.54 10.49 -19.00
C LYS D 23 -28.42 9.87 -17.91
N LYS D 24 -27.92 8.83 -17.26
CA LYS D 24 -28.64 8.19 -16.16
C LYS D 24 -28.81 9.14 -14.98
N LEU D 25 -27.72 9.80 -14.59
CA LEU D 25 -27.74 10.79 -13.52
C LEU D 25 -28.75 11.94 -13.76
N LYS D 26 -28.79 12.44 -15.00
CA LYS D 26 -29.67 13.56 -15.36
C LYS D 26 -31.14 13.14 -15.43
N GLU D 27 -31.37 11.93 -15.94
CA GLU D 27 -32.69 11.32 -15.90
C GLU D 27 -33.26 11.34 -14.48
N LEU D 28 -32.48 10.84 -13.52
CA LEU D 28 -32.91 10.62 -12.13
C LEU D 28 -32.97 11.89 -11.29
N SER D 29 -32.08 12.84 -11.58
CA SER D 29 -32.07 14.14 -10.90
C SER D 29 -31.72 15.26 -11.90
N PRO D 30 -32.73 15.73 -12.63
CA PRO D 30 -32.53 16.65 -13.78
C PRO D 30 -31.55 17.82 -13.59
N ASN D 31 -31.50 18.39 -12.39
CA ASN D 31 -30.70 19.59 -12.15
C ASN D 31 -29.37 19.36 -11.45
N ILE D 32 -29.00 18.09 -11.28
CA ILE D 32 -27.72 17.68 -10.68
C ILE D 32 -26.52 18.19 -11.50
N LYS D 33 -25.46 18.59 -10.81
CA LYS D 33 -24.30 19.17 -11.46
C LYS D 33 -23.22 18.13 -11.76
N ILE D 34 -22.73 18.17 -12.98
CA ILE D 34 -21.77 17.18 -13.47
C ILE D 34 -20.49 17.87 -13.96
N ILE D 35 -19.35 17.31 -13.57
CA ILE D 35 -18.06 17.74 -14.10
C ILE D 35 -17.26 16.52 -14.56
N ARG D 36 -16.71 16.63 -15.76
CA ARG D 36 -16.02 15.52 -16.42
C ARG D 36 -14.54 15.82 -16.60
N LYS D 37 -13.71 14.83 -16.29
CA LYS D 37 -12.27 14.92 -16.52
C LYS D 37 -11.85 13.61 -17.16
N THR D 38 -10.97 13.70 -18.16
CA THR D 38 -10.46 12.52 -18.85
C THR D 38 -8.95 12.43 -18.72
N VAL D 39 -8.48 11.23 -18.42
CA VAL D 39 -7.07 10.97 -18.18
C VAL D 39 -6.62 9.84 -19.14
N PRO D 40 -5.32 9.76 -19.44
CA PRO D 40 -4.79 8.67 -20.30
C PRO D 40 -5.17 7.26 -19.86
N GLY D 41 -4.84 6.89 -18.62
CA GLY D 41 -4.94 5.52 -18.18
C GLY D 41 -5.51 5.36 -16.78
N ILE D 42 -5.78 4.10 -16.42
CA ILE D 42 -6.38 3.75 -15.13
C ILE D 42 -5.56 4.22 -13.89
N LYS D 43 -4.24 4.23 -14.02
CA LYS D 43 -3.32 4.66 -12.97
C LYS D 43 -3.32 6.17 -12.77
N ASP D 44 -3.96 6.89 -13.69
CA ASP D 44 -4.07 8.34 -13.58
C ASP D 44 -5.36 8.74 -12.91
N LEU D 45 -6.23 7.76 -12.68
CA LEU D 45 -7.56 7.99 -12.11
C LEU D 45 -7.61 8.47 -10.65
N PRO D 46 -6.85 7.87 -9.73
CA PRO D 46 -6.87 8.30 -8.33
C PRO D 46 -6.61 9.81 -8.04
N VAL D 47 -5.55 10.43 -8.57
CA VAL D 47 -5.30 11.85 -8.29
C VAL D 47 -6.36 12.75 -8.90
N ALA D 48 -6.86 12.36 -10.08
CA ALA D 48 -7.83 13.16 -10.80
C ALA D 48 -9.15 13.18 -10.03
N CYS D 49 -9.53 12.01 -9.54
CA CYS D 49 -10.69 11.87 -8.68
C CYS D 49 -10.52 12.71 -7.42
N LYS D 50 -9.37 12.62 -6.78
CA LYS D 50 -9.12 13.37 -5.55
C LYS D 50 -9.18 14.89 -5.77
N LYS D 51 -8.52 15.36 -6.84
CA LYS D 51 -8.54 16.78 -7.21
C LYS D 51 -9.96 17.27 -7.38
N LEU D 52 -10.78 16.46 -8.06
CA LEU D 52 -12.19 16.76 -8.30
C LEU D 52 -12.98 16.83 -7.01
N LEU D 53 -12.64 15.98 -6.03
CA LEU D 53 -13.30 16.00 -4.73
C LEU D 53 -12.89 17.20 -3.86
N GLU D 54 -11.64 17.63 -4.01
CA GLU D 54 -11.09 18.64 -3.12
C GLU D 54 -11.03 20.03 -3.72
N GLU D 55 -11.17 20.14 -5.04
CA GLU D 55 -10.89 21.39 -5.72
C GLU D 55 -12.02 21.87 -6.60
N GLU D 56 -12.90 20.94 -6.95
CA GLU D 56 -14.04 21.25 -7.80
C GLU D 56 -15.37 20.98 -7.09
N GLY D 57 -15.35 20.84 -5.78
CA GLY D 57 -16.58 20.74 -5.00
C GLY D 57 -17.40 19.47 -5.13
N CYS D 58 -16.85 18.43 -5.74
CA CYS D 58 -17.63 17.22 -6.02
C CYS D 58 -17.96 16.48 -4.75
N ASP D 59 -19.24 16.15 -4.59
CA ASP D 59 -19.72 15.41 -3.43
C ASP D 59 -19.37 13.95 -3.53
N ILE D 60 -19.17 13.48 -4.75
CA ILE D 60 -18.92 12.08 -5.05
C ILE D 60 -18.34 12.03 -6.43
N VAL D 61 -17.58 10.97 -6.72
CA VAL D 61 -16.97 10.80 -8.03
C VAL D 61 -17.23 9.37 -8.54
N MET D 62 -17.41 9.24 -9.84
CA MET D 62 -17.39 7.94 -10.50
C MET D 62 -16.07 7.77 -11.24
N ALA D 63 -15.36 6.68 -10.93
CA ALA D 63 -14.08 6.37 -11.59
C ALA D 63 -14.24 5.27 -12.65
N LEU D 64 -14.13 5.64 -13.93
CA LEU D 64 -14.42 4.70 -15.02
C LEU D 64 -13.14 4.16 -15.69
N GLY D 65 -12.95 2.85 -15.63
CA GLY D 65 -11.79 2.24 -16.23
C GLY D 65 -12.09 0.90 -16.88
N MET D 66 -11.22 0.51 -17.80
CA MET D 66 -11.30 -0.79 -18.45
C MET D 66 -9.95 -1.47 -18.56
N PRO D 67 -9.64 -2.31 -17.57
CA PRO D 67 -8.39 -3.08 -17.57
C PRO D 67 -8.26 -3.99 -18.79
N GLY D 68 -7.04 -4.14 -19.28
CA GLY D 68 -6.75 -5.08 -20.36
C GLY D 68 -6.87 -6.52 -19.90
N LYS D 69 -6.51 -7.44 -20.79
CA LYS D 69 -6.62 -8.88 -20.53
C LYS D 69 -5.43 -9.48 -19.78
N ALA D 70 -4.25 -8.89 -19.96
CA ALA D 70 -2.99 -9.44 -19.45
C ALA D 70 -2.88 -9.50 -17.92
N GLU D 71 -1.88 -10.23 -17.45
CA GLU D 71 -1.56 -10.32 -16.02
C GLU D 71 -1.09 -8.96 -15.49
N LYS D 72 -0.35 -8.23 -16.33
CA LYS D 72 0.18 -6.91 -16.00
C LYS D 72 -0.93 -5.88 -15.82
N ASP D 73 -2.00 -6.03 -16.61
CA ASP D 73 -3.16 -5.15 -16.52
C ASP D 73 -3.99 -5.40 -15.25
N LYS D 74 -3.99 -6.65 -14.78
CA LYS D 74 -4.70 -7.01 -13.54
C LYS D 74 -4.00 -6.40 -12.33
N VAL D 75 -2.68 -6.28 -12.42
CA VAL D 75 -1.85 -5.66 -11.38
C VAL D 75 -2.03 -4.14 -11.40
N CYS D 76 -2.06 -3.57 -12.61
CA CYS D 76 -2.36 -2.13 -12.79
C CYS D 76 -3.68 -1.70 -12.17
N ALA D 77 -4.75 -2.43 -12.48
CA ALA D 77 -6.09 -2.18 -11.96
C ALA D 77 -6.15 -2.31 -10.44
N HIS D 78 -5.43 -3.31 -9.92
CA HIS D 78 -5.31 -3.49 -8.48
C HIS D 78 -4.60 -2.30 -7.85
N GLU D 79 -3.54 -1.82 -8.48
CA GLU D 79 -2.83 -0.63 -8.02
C GLU D 79 -3.79 0.56 -7.99
N ALA D 80 -4.53 0.74 -9.08
CA ALA D 80 -5.44 1.87 -9.24
C ALA D 80 -6.63 1.79 -8.27
N SER D 81 -7.13 0.57 -8.07
CA SER D 81 -8.17 0.29 -7.07
C SER D 81 -7.74 0.80 -5.71
N LEU D 82 -6.53 0.43 -5.27
CA LEU D 82 -5.98 0.82 -3.98
C LEU D 82 -5.80 2.35 -3.88
N GLY D 83 -5.33 2.96 -4.97
CA GLY D 83 -5.22 4.40 -5.09
C GLY D 83 -6.55 5.10 -4.86
N LEU D 84 -7.61 4.58 -5.48
CA LEU D 84 -8.97 5.11 -5.26
C LEU D 84 -9.42 4.98 -3.81
N MET D 85 -9.10 3.84 -3.21
CA MET D 85 -9.45 3.61 -1.80
C MET D 85 -8.74 4.64 -0.93
N LEU D 86 -7.46 4.86 -1.17
CA LEU D 86 -6.74 5.92 -0.46
C LEU D 86 -7.28 7.33 -0.72
N ALA D 87 -7.61 7.65 -1.97
CA ALA D 87 -8.17 8.97 -2.28
C ALA D 87 -9.44 9.22 -1.48
N GLN D 88 -10.25 8.18 -1.34
CA GLN D 88 -11.47 8.21 -0.55
C GLN D 88 -11.22 8.38 0.95
N LEU D 89 -10.25 7.65 1.51
CA LEU D 89 -9.97 7.81 2.92
C LEU D 89 -9.38 9.19 3.27
N MET D 90 -8.67 9.78 2.32
CA MET D 90 -8.10 11.12 2.49
C MET D 90 -9.18 12.22 2.41
N THR D 91 -10.15 12.04 1.54
CA THR D 91 -11.36 12.88 1.52
C THR D 91 -12.48 11.99 2.01
N ASN D 92 -13.13 12.32 3.11
CA ASN D 92 -14.21 11.43 3.55
C ASN D 92 -15.37 11.42 2.54
N LYS D 93 -15.07 11.03 1.30
CA LYS D 93 -16.03 11.04 0.20
C LYS D 93 -15.90 9.78 -0.69
N HIS D 94 -17.04 9.33 -1.21
CA HIS D 94 -17.11 8.13 -2.03
C HIS D 94 -16.59 8.33 -3.46
N ILE D 95 -15.89 7.30 -3.94
CA ILE D 95 -15.55 7.14 -5.34
C ILE D 95 -16.06 5.75 -5.72
N ILE D 96 -17.06 5.70 -6.59
CA ILE D 96 -17.53 4.42 -7.09
C ILE D 96 -16.63 3.98 -8.22
N GLU D 97 -15.98 2.85 -8.02
CA GLU D 97 -15.04 2.29 -8.99
C GLU D 97 -15.84 1.49 -9.99
N VAL D 98 -15.83 1.97 -11.23
CA VAL D 98 -16.56 1.34 -12.32
C VAL D 98 -15.52 0.73 -13.27
N PHE D 99 -15.02 -0.45 -12.89
CA PHE D 99 -14.01 -1.16 -13.66
C PHE D 99 -14.59 -2.36 -14.42
N VAL D 100 -14.55 -2.27 -15.74
CA VAL D 100 -14.99 -3.36 -16.60
C VAL D 100 -13.76 -3.94 -17.31
N HIS D 101 -13.35 -5.14 -16.91
CA HIS D 101 -12.26 -5.82 -17.57
C HIS D 101 -12.69 -6.30 -18.96
N GLU D 102 -11.77 -6.20 -19.93
CA GLU D 102 -12.01 -6.74 -21.27
C GLU D 102 -12.31 -8.23 -21.18
N ASP D 103 -11.59 -8.93 -20.31
CA ASP D 103 -11.88 -10.29 -19.86
C ASP D 103 -13.37 -10.66 -19.73
N GLU D 104 -14.16 -9.70 -19.27
CA GLU D 104 -15.55 -9.93 -18.84
C GLU D 104 -16.55 -10.08 -19.98
N ALA D 105 -16.10 -9.85 -21.21
CA ALA D 105 -16.96 -9.98 -22.39
C ALA D 105 -16.39 -10.96 -23.41
N LYS D 106 -17.26 -11.60 -24.18
CA LYS D 106 -16.86 -12.63 -25.13
C LYS D 106 -16.45 -12.05 -26.48
N ASP D 107 -16.95 -10.85 -26.78
CA ASP D 107 -16.56 -10.10 -27.97
C ASP D 107 -16.78 -8.61 -27.79
N ASP D 108 -16.35 -7.83 -28.79
CA ASP D 108 -16.47 -6.37 -28.80
C ASP D 108 -17.90 -5.85 -28.60
N LYS D 109 -18.86 -6.45 -29.31
CA LYS D 109 -20.25 -6.01 -29.24
C LYS D 109 -20.84 -6.23 -27.85
N GLU D 110 -20.53 -7.39 -27.25
CA GLU D 110 -20.92 -7.70 -25.88
C GLU D 110 -20.26 -6.76 -24.87
N LEU D 111 -18.98 -6.46 -25.10
CA LEU D 111 -18.16 -5.59 -24.23
C LEU D 111 -18.69 -4.18 -24.19
N ASP D 112 -19.05 -3.68 -25.37
CA ASP D 112 -19.67 -2.38 -25.50
C ASP D 112 -20.97 -2.32 -24.68
N TRP D 113 -21.83 -3.31 -24.87
CA TRP D 113 -23.09 -3.42 -24.13
C TRP D 113 -22.87 -3.57 -22.61
N LEU D 114 -21.94 -4.47 -22.23
CA LEU D 114 -21.67 -4.75 -20.81
C LEU D 114 -21.15 -3.54 -20.01
N ALA D 115 -20.13 -2.85 -20.55
CA ALA D 115 -19.52 -1.69 -19.88
C ALA D 115 -20.53 -0.57 -19.72
N LYS D 116 -21.35 -0.35 -20.76
CA LYS D 116 -22.38 0.66 -20.72
C LYS D 116 -23.50 0.32 -19.71
N ARG D 117 -23.91 -0.94 -19.65
CA ARG D 117 -24.90 -1.37 -18.66
C ARG D 117 -24.35 -1.31 -17.21
N ARG D 118 -23.07 -1.60 -17.04
CA ARG D 118 -22.44 -1.45 -15.73
C ARG D 118 -22.34 0.01 -15.30
N ALA D 119 -21.96 0.88 -16.23
CA ALA D 119 -21.84 2.31 -15.96
C ALA D 119 -23.18 2.94 -15.61
N GLU D 120 -24.25 2.48 -16.27
CA GLU D 120 -25.61 2.91 -15.95
C GLU D 120 -26.02 2.48 -14.55
N GLU D 121 -25.66 1.25 -14.18
CA GLU D 121 -26.08 0.68 -12.91
C GLU D 121 -25.40 1.35 -11.73
N HIS D 122 -24.10 1.59 -11.86
CA HIS D 122 -23.33 2.29 -10.84
C HIS D 122 -23.82 3.74 -10.74
N ALA D 123 -24.23 4.31 -11.87
CA ALA D 123 -24.84 5.65 -11.92
C ALA D 123 -26.10 5.71 -11.05
N GLU D 124 -26.91 4.66 -11.13
CA GLU D 124 -28.10 4.52 -10.29
C GLU D 124 -27.70 4.51 -8.83
N ASN D 125 -26.63 3.78 -8.51
CA ASN D 125 -26.11 3.70 -7.13
C ASN D 125 -25.62 5.04 -6.59
N VAL D 126 -24.87 5.77 -7.42
CA VAL D 126 -24.44 7.12 -7.07
C VAL D 126 -25.66 7.96 -6.68
N TYR D 127 -26.73 7.83 -7.45
CA TYR D 127 -27.98 8.55 -7.18
C TYR D 127 -28.56 8.18 -5.82
N TYR D 128 -28.62 6.88 -5.55
CA TYR D 128 -29.16 6.36 -4.29
C TYR D 128 -28.31 6.77 -3.08
N LEU D 129 -27.00 6.79 -3.25
CA LEU D 129 -26.08 7.21 -2.19
C LEU D 129 -26.21 8.70 -1.90
N LEU D 130 -26.58 9.47 -2.92
CA LEU D 130 -26.71 10.91 -2.78
C LEU D 130 -28.03 11.29 -2.13
N PHE D 131 -29.10 10.61 -2.54
CA PHE D 131 -30.48 11.09 -2.35
C PHE D 131 -31.45 10.08 -1.69
N LYS D 132 -31.15 8.80 -1.78
CA LYS D 132 -32.03 7.77 -1.25
C LYS D 132 -31.24 6.65 -0.53
N PRO D 133 -30.48 7.03 0.51
CA PRO D 133 -29.64 6.07 1.24
C PRO D 133 -30.41 5.21 2.26
N GLU D 134 -31.73 5.33 2.26
CA GLU D 134 -32.60 4.45 3.03
C GLU D 134 -33.02 3.28 2.14
N TYR D 135 -33.03 3.53 0.83
CA TYR D 135 -33.36 2.49 -0.14
C TYR D 135 -32.30 1.40 -0.15
N LEU D 136 -31.02 1.80 -0.10
CA LEU D 136 -29.92 0.84 -0.12
C LEU D 136 -29.93 -0.06 1.12
N THR D 137 -30.35 0.50 2.25
CA THR D 137 -30.54 -0.26 3.49
C THR D 137 -31.66 -1.29 3.35
N ARG D 138 -32.79 -0.89 2.75
CA ARG D 138 -33.91 -1.81 2.49
C ARG D 138 -33.45 -3.00 1.65
N MET D 139 -32.50 -2.77 0.75
CA MET D 139 -31.97 -3.80 -0.12
C MET D 139 -30.76 -4.54 0.46
N ALA D 140 -30.45 -4.31 1.72
CA ALA D 140 -29.31 -4.99 2.37
C ALA D 140 -29.18 -6.50 2.13
N GLY D 141 -28.32 -6.87 1.19
CA GLY D 141 -28.11 -8.27 0.84
C GLY D 141 -29.22 -9.12 0.26
N LYS D 142 -29.46 -8.99 -1.05
CA LYS D 142 -30.65 -9.54 -1.70
C LYS D 142 -31.94 -8.92 -1.12
N THR E 2 29.39 18.52 8.13
CA THR E 2 28.16 18.76 7.31
C THR E 2 27.91 17.57 6.39
N LYS E 3 26.65 17.39 6.02
CA LYS E 3 26.15 16.21 5.30
C LYS E 3 26.21 14.93 6.12
N LYS E 4 25.04 14.37 6.38
CA LYS E 4 24.88 13.27 7.32
C LYS E 4 24.16 12.07 6.69
N VAL E 5 24.74 10.90 6.89
CA VAL E 5 24.18 9.65 6.36
C VAL E 5 23.78 8.71 7.49
N GLY E 6 22.55 8.20 7.43
CA GLY E 6 22.12 7.13 8.30
C GLY E 6 22.33 5.77 7.66
N ILE E 7 22.83 4.82 8.44
CA ILE E 7 22.99 3.45 7.96
C ILE E 7 22.29 2.52 8.91
N VAL E 8 21.27 1.82 8.40
CA VAL E 8 20.50 0.88 9.21
C VAL E 8 20.64 -0.52 8.67
N ASP E 9 21.09 -1.40 9.55
CA ASP E 9 21.25 -2.80 9.20
C ASP E 9 20.57 -3.70 10.22
N THR E 10 20.76 -5.01 10.06
CA THR E 10 20.03 -6.00 10.83
C THR E 10 20.99 -6.99 11.49
N THR E 11 20.49 -7.72 12.48
CA THR E 11 21.26 -8.83 13.06
C THR E 11 20.93 -10.13 12.28
N PHE E 12 19.72 -10.16 11.73
CA PHE E 12 19.23 -11.24 10.87
C PHE E 12 20.18 -11.54 9.69
N ALA E 13 20.75 -10.47 9.12
CA ALA E 13 21.67 -10.58 7.97
C ALA E 13 22.77 -11.62 8.17
N ARG E 14 23.13 -12.30 7.08
CA ARG E 14 24.20 -13.30 7.09
C ARG E 14 25.56 -12.67 6.76
N VAL E 15 25.55 -11.41 6.32
CA VAL E 15 26.77 -10.68 5.94
C VAL E 15 26.73 -9.23 6.49
N ASP E 16 27.89 -8.72 6.93
CA ASP E 16 28.01 -7.32 7.38
C ASP E 16 28.19 -6.44 6.15
N MET E 17 27.15 -5.69 5.80
CA MET E 17 27.18 -4.81 4.64
C MET E 17 27.57 -3.38 5.04
N ALA E 18 27.32 -3.04 6.30
CA ALA E 18 27.54 -1.68 6.82
C ALA E 18 28.99 -1.22 6.70
N SER E 19 29.93 -2.07 7.07
CA SER E 19 31.35 -1.69 7.13
C SER E 19 31.91 -1.30 5.76
N ILE E 20 31.44 -1.97 4.70
CA ILE E 20 31.75 -1.63 3.31
C ILE E 20 31.21 -0.25 2.95
N ALA E 21 29.94 -0.02 3.26
CA ALA E 21 29.25 1.22 2.89
C ALA E 21 29.86 2.44 3.55
N ILE E 22 30.10 2.32 4.86
CA ILE E 22 30.77 3.35 5.65
C ILE E 22 32.19 3.64 5.10
N LYS E 23 32.97 2.59 4.86
CA LYS E 23 34.34 2.78 4.36
C LYS E 23 34.34 3.49 2.99
N LYS E 24 33.39 3.13 2.13
CA LYS E 24 33.20 3.79 0.84
C LYS E 24 32.81 5.26 0.96
N LEU E 25 31.92 5.57 1.90
CA LEU E 25 31.44 6.93 2.09
C LEU E 25 32.57 7.84 2.59
N LYS E 26 33.34 7.33 3.55
CA LYS E 26 34.41 8.05 4.20
C LYS E 26 35.61 8.27 3.27
N GLU E 27 35.83 7.36 2.34
CA GLU E 27 36.85 7.53 1.30
C GLU E 27 36.38 8.47 0.20
N LEU E 28 35.07 8.49 -0.06
CA LEU E 28 34.49 9.41 -1.05
C LEU E 28 34.37 10.82 -0.50
N SER E 29 34.14 10.90 0.82
CA SER E 29 33.99 12.17 1.52
C SER E 29 34.48 12.04 2.95
N PRO E 30 35.77 12.27 3.19
CA PRO E 30 36.39 12.05 4.51
C PRO E 30 35.68 12.68 5.70
N ASN E 31 34.87 13.70 5.46
CA ASN E 31 34.22 14.47 6.51
C ASN E 31 32.73 14.20 6.75
N ILE E 32 32.09 13.38 5.90
CA ILE E 32 30.66 13.05 6.07
C ILE E 32 30.38 12.59 7.49
N LYS E 33 29.27 13.04 8.05
CA LYS E 33 28.80 12.49 9.32
C LYS E 33 28.07 11.19 9.06
N ILE E 34 28.34 10.16 9.87
CA ILE E 34 27.72 8.85 9.70
C ILE E 34 27.04 8.33 10.98
N ILE E 35 25.78 7.96 10.86
CA ILE E 35 25.00 7.41 11.97
C ILE E 35 24.55 5.96 11.72
N ARG E 36 24.93 5.06 12.64
CA ARG E 36 24.57 3.65 12.58
C ARG E 36 23.48 3.28 13.59
N LYS E 37 22.55 2.43 13.17
CA LYS E 37 21.59 1.77 14.06
C LYS E 37 21.34 0.37 13.56
N THR E 38 21.31 -0.58 14.49
CA THR E 38 21.06 -1.98 14.14
C THR E 38 19.75 -2.46 14.73
N VAL E 39 18.97 -3.12 13.88
CA VAL E 39 17.69 -3.71 14.29
C VAL E 39 17.74 -5.23 14.06
N PRO E 40 16.91 -5.99 14.77
CA PRO E 40 16.79 -7.43 14.52
C PRO E 40 16.62 -7.81 13.04
N GLY E 41 15.56 -7.28 12.41
CA GLY E 41 15.13 -7.77 11.12
C GLY E 41 14.70 -6.71 10.12
N ILE E 42 14.46 -7.19 8.91
CA ILE E 42 14.03 -6.40 7.77
C ILE E 42 12.73 -5.59 8.01
N LYS E 43 11.75 -6.20 8.68
CA LYS E 43 10.53 -5.48 9.03
C LYS E 43 10.76 -4.31 10.01
N ASP E 44 11.91 -4.32 10.68
CA ASP E 44 12.23 -3.27 11.66
C ASP E 44 12.95 -2.09 11.05
N LEU E 45 13.36 -2.26 9.79
CA LEU E 45 14.11 -1.26 9.06
C LEU E 45 13.38 0.08 8.85
N PRO E 46 12.14 0.06 8.33
CA PRO E 46 11.46 1.30 7.95
C PRO E 46 11.28 2.36 9.05
N VAL E 47 10.89 1.99 10.27
CA VAL E 47 10.69 2.99 11.34
C VAL E 47 12.03 3.49 11.82
N ALA E 48 13.01 2.59 11.86
CA ALA E 48 14.39 2.91 12.20
C ALA E 48 14.96 3.92 11.22
N CYS E 49 14.77 3.65 9.93
CA CYS E 49 15.17 4.58 8.87
C CYS E 49 14.52 5.96 9.01
N LYS E 50 13.21 6.00 9.24
CA LYS E 50 12.48 7.26 9.30
C LYS E 50 12.85 8.09 10.51
N LYS E 51 13.01 7.43 11.66
CA LYS E 51 13.51 8.04 12.88
C LYS E 51 14.86 8.69 12.65
N LEU E 52 15.72 7.99 11.92
CA LEU E 52 17.03 8.52 11.60
C LEU E 52 16.94 9.80 10.77
N LEU E 53 15.97 9.84 9.84
CA LEU E 53 15.78 11.02 9.00
C LEU E 53 15.18 12.21 9.77
N GLU E 54 14.22 11.94 10.64
CA GLU E 54 13.47 13.01 11.28
C GLU E 54 13.98 13.43 12.65
N GLU E 55 14.64 12.52 13.37
CA GLU E 55 15.08 12.78 14.74
C GLU E 55 16.58 12.98 14.87
N GLU E 56 17.34 12.46 13.92
CA GLU E 56 18.79 12.51 14.00
C GLU E 56 19.38 13.42 12.93
N GLY E 57 18.51 14.10 12.20
CA GLY E 57 18.92 14.99 11.13
C GLY E 57 19.68 14.35 9.97
N CYS E 58 19.44 13.09 9.68
CA CYS E 58 20.09 12.43 8.55
C CYS E 58 19.54 12.93 7.21
N ASP E 59 20.43 13.30 6.30
CA ASP E 59 20.06 13.78 4.96
C ASP E 59 19.54 12.67 4.03
N ILE E 60 19.93 11.43 4.32
CA ILE E 60 19.67 10.25 3.47
C ILE E 60 20.02 9.03 4.31
N VAL E 61 19.42 7.89 3.98
CA VAL E 61 19.62 6.67 4.76
C VAL E 61 19.85 5.47 3.85
N MET E 62 20.70 4.56 4.33
CA MET E 62 20.94 3.28 3.68
C MET E 62 20.29 2.20 4.51
N ALA E 63 19.33 1.51 3.91
CA ALA E 63 18.65 0.42 4.57
C ALA E 63 19.25 -0.89 4.05
N LEU E 64 19.93 -1.61 4.95
CA LEU E 64 20.65 -2.80 4.56
C LEU E 64 19.93 -4.03 5.08
N GLY E 65 19.58 -4.92 4.15
CA GLY E 65 18.76 -6.07 4.45
C GLY E 65 19.16 -7.28 3.63
N MET E 66 19.02 -8.45 4.25
CA MET E 66 19.38 -9.74 3.66
C MET E 66 18.22 -10.71 3.87
N PRO E 67 17.23 -10.70 2.98
CA PRO E 67 16.10 -11.65 3.06
C PRO E 67 16.48 -13.13 2.78
N GLY E 68 15.85 -14.05 3.53
CA GLY E 68 16.03 -15.49 3.34
C GLY E 68 15.51 -15.99 2.01
N LYS E 69 15.58 -17.30 1.81
CA LYS E 69 15.24 -17.92 0.53
C LYS E 69 13.74 -18.15 0.34
N ALA E 70 13.04 -18.44 1.44
CA ALA E 70 11.64 -18.86 1.42
C ALA E 70 10.67 -17.83 0.84
N GLU E 71 9.54 -18.32 0.31
CA GLU E 71 8.47 -17.45 -0.22
C GLU E 71 7.87 -16.55 0.87
N LYS E 72 7.90 -17.03 2.12
CA LYS E 72 7.50 -16.22 3.27
C LYS E 72 8.46 -15.05 3.51
N ASP E 73 9.75 -15.30 3.33
CA ASP E 73 10.79 -14.27 3.40
C ASP E 73 10.61 -13.18 2.34
N LYS E 74 10.28 -13.62 1.12
CA LYS E 74 10.05 -12.72 0.00
C LYS E 74 8.84 -11.81 0.22
N VAL E 75 7.82 -12.33 0.92
CA VAL E 75 6.65 -11.55 1.31
C VAL E 75 7.06 -10.41 2.29
N CYS E 76 7.87 -10.76 3.29
CA CYS E 76 8.39 -9.78 4.27
C CYS E 76 9.30 -8.73 3.65
N ALA E 77 10.14 -9.16 2.71
CA ALA E 77 11.01 -8.26 1.97
C ALA E 77 10.18 -7.20 1.21
N HIS E 78 9.12 -7.68 0.55
CA HIS E 78 8.13 -6.84 -0.12
C HIS E 78 7.43 -5.88 0.85
N GLU E 79 7.25 -6.32 2.09
CA GLU E 79 6.61 -5.53 3.15
C GLU E 79 7.56 -4.43 3.63
N ALA E 80 8.85 -4.75 3.69
CA ALA E 80 9.85 -3.80 4.15
C ALA E 80 10.05 -2.73 3.08
N SER E 81 10.04 -3.17 1.84
CA SER E 81 10.21 -2.32 0.67
C SER E 81 9.12 -1.26 0.51
N LEU E 82 7.86 -1.66 0.70
CA LEU E 82 6.75 -0.70 0.81
C LEU E 82 6.96 0.29 1.94
N GLY E 83 7.29 -0.24 3.12
CA GLY E 83 7.61 0.54 4.29
C GLY E 83 8.68 1.59 4.03
N LEU E 84 9.80 1.16 3.43
CA LEU E 84 10.86 2.08 3.06
C LEU E 84 10.30 3.19 2.16
N MET E 85 9.52 2.80 1.15
CA MET E 85 8.95 3.75 0.20
C MET E 85 7.99 4.76 0.83
N LEU E 86 7.20 4.32 1.80
CA LEU E 86 6.31 5.23 2.51
C LEU E 86 7.06 6.18 3.43
N ALA E 87 8.13 5.68 4.05
CA ALA E 87 8.98 6.48 4.94
C ALA E 87 9.62 7.65 4.19
N GLN E 88 10.10 7.38 2.98
CA GLN E 88 10.69 8.40 2.12
C GLN E 88 9.67 9.48 1.72
N LEU E 89 8.47 9.06 1.34
CA LEU E 89 7.42 9.99 0.96
C LEU E 89 6.97 10.92 2.10
N MET E 90 6.89 10.38 3.31
CA MET E 90 6.45 11.14 4.48
C MET E 90 7.52 12.12 4.98
N THR E 91 8.74 11.92 4.50
CA THR E 91 9.92 12.75 4.79
C THR E 91 10.64 12.81 3.47
N ASN E 92 10.33 13.78 2.62
CA ASN E 92 10.99 13.92 1.30
C ASN E 92 12.51 13.69 1.27
N LYS E 93 12.93 12.52 1.75
CA LYS E 93 14.32 12.13 1.74
C LYS E 93 14.48 10.71 1.21
N HIS E 94 15.59 10.48 0.50
CA HIS E 94 15.94 9.15 0.00
C HIS E 94 16.32 8.14 1.10
N ILE E 95 15.90 6.91 0.88
CA ILE E 95 16.44 5.77 1.56
C ILE E 95 16.87 4.82 0.45
N ILE E 96 18.14 4.49 0.42
CA ILE E 96 18.62 3.55 -0.58
C ILE E 96 18.47 2.13 -0.06
N GLU E 97 17.61 1.38 -0.72
CA GLU E 97 17.34 0.02 -0.31
C GLU E 97 18.47 -0.87 -0.79
N VAL E 98 19.25 -1.39 0.14
CA VAL E 98 20.31 -2.34 -0.17
C VAL E 98 19.85 -3.72 0.34
N PHE E 99 19.01 -4.38 -0.45
CA PHE E 99 18.49 -5.71 -0.16
C PHE E 99 19.18 -6.77 -1.04
N VAL E 100 19.86 -7.72 -0.38
CA VAL E 100 20.49 -8.86 -1.04
C VAL E 100 19.79 -10.15 -0.62
N HIS E 101 19.04 -10.75 -1.54
CA HIS E 101 18.39 -12.05 -1.32
C HIS E 101 19.41 -13.18 -1.32
N GLU E 102 19.13 -14.22 -0.55
CA GLU E 102 19.99 -15.41 -0.57
C GLU E 102 19.85 -16.20 -1.89
N ASP E 103 18.70 -16.08 -2.53
CA ASP E 103 18.46 -16.54 -3.93
C ASP E 103 19.47 -16.06 -4.97
N GLU E 104 20.11 -14.92 -4.70
CA GLU E 104 20.91 -14.22 -5.70
C GLU E 104 22.31 -14.79 -5.91
N ALA E 105 22.83 -15.45 -4.89
CA ALA E 105 24.15 -16.04 -4.96
C ALA E 105 24.02 -17.56 -4.93
N LYS E 106 25.10 -18.23 -5.35
CA LYS E 106 25.30 -19.63 -5.09
C LYS E 106 26.43 -19.66 -4.06
N ASP E 107 26.35 -20.58 -3.09
CA ASP E 107 27.25 -20.60 -1.92
C ASP E 107 27.31 -19.32 -1.07
N ASP E 108 28.04 -19.40 0.04
CA ASP E 108 28.20 -18.29 0.98
C ASP E 108 29.29 -17.31 0.55
N LYS E 109 30.33 -17.85 -0.10
CA LYS E 109 31.44 -17.04 -0.60
C LYS E 109 30.91 -15.98 -1.58
N GLU E 110 30.02 -16.41 -2.46
CA GLU E 110 29.39 -15.50 -3.41
C GLU E 110 28.40 -14.53 -2.75
N LEU E 111 27.65 -15.01 -1.76
CA LEU E 111 26.75 -14.15 -0.98
C LEU E 111 27.53 -13.05 -0.31
N ASP E 112 28.70 -13.39 0.21
CA ASP E 112 29.56 -12.43 0.91
C ASP E 112 30.03 -11.37 -0.08
N TRP E 113 30.59 -11.82 -1.21
CA TRP E 113 31.04 -10.94 -2.28
C TRP E 113 29.92 -10.02 -2.78
N LEU E 114 28.77 -10.61 -3.14
CA LEU E 114 27.67 -9.87 -3.73
C LEU E 114 27.13 -8.74 -2.85
N ALA E 115 26.82 -9.08 -1.58
CA ALA E 115 26.28 -8.14 -0.62
C ALA E 115 27.22 -6.97 -0.38
N LYS E 116 28.51 -7.26 -0.28
CA LYS E 116 29.54 -6.23 -0.09
C LYS E 116 29.69 -5.30 -1.31
N ARG E 117 29.69 -5.87 -2.51
CA ARG E 117 29.76 -5.07 -3.73
C ARG E 117 28.50 -4.25 -3.95
N ARG E 118 27.34 -4.82 -3.68
CA ARG E 118 26.08 -4.09 -3.79
C ARG E 118 26.06 -2.88 -2.84
N ALA E 119 26.48 -3.10 -1.59
CA ALA E 119 26.52 -2.06 -0.55
C ALA E 119 27.48 -0.95 -0.94
N GLU E 120 28.56 -1.32 -1.60
CA GLU E 120 29.60 -0.39 -1.97
C GLU E 120 29.16 0.49 -3.16
N GLU E 121 28.53 -0.14 -4.15
CA GLU E 121 28.07 0.58 -5.34
C GLU E 121 26.93 1.51 -4.96
N HIS E 122 26.08 1.06 -4.04
CA HIS E 122 25.03 1.91 -3.49
C HIS E 122 25.57 3.07 -2.64
N ALA E 123 26.66 2.83 -1.91
CA ALA E 123 27.31 3.91 -1.16
C ALA E 123 27.77 5.03 -2.11
N GLU E 124 28.32 4.64 -3.24
CA GLU E 124 28.74 5.60 -4.26
C GLU E 124 27.55 6.40 -4.82
N ASN E 125 26.42 5.71 -5.08
CA ASN E 125 25.19 6.39 -5.50
C ASN E 125 24.70 7.40 -4.48
N VAL E 126 24.87 7.08 -3.19
CA VAL E 126 24.61 8.01 -2.10
C VAL E 126 25.52 9.24 -2.24
N TYR E 127 26.81 9.02 -2.50
CA TYR E 127 27.73 10.14 -2.67
C TYR E 127 27.21 11.04 -3.78
N TYR E 128 26.71 10.37 -4.82
CA TYR E 128 26.24 11.05 -6.01
C TYR E 128 24.98 11.86 -5.80
N LEU E 129 23.99 11.26 -5.14
CA LEU E 129 22.75 12.00 -4.85
C LEU E 129 23.04 13.22 -3.97
N LEU E 130 24.05 13.10 -3.11
CA LEU E 130 24.38 14.14 -2.14
C LEU E 130 25.24 15.28 -2.68
N PHE E 131 26.15 14.97 -3.60
CA PHE E 131 27.17 15.95 -3.99
C PHE E 131 27.24 16.26 -5.49
N LYS E 132 26.88 15.30 -6.34
CA LYS E 132 27.02 15.43 -7.78
C LYS E 132 25.85 14.71 -8.50
N PRO E 133 24.62 15.16 -8.27
CA PRO E 133 23.44 14.49 -8.88
C PRO E 133 23.46 14.49 -10.41
N GLU E 134 24.07 15.51 -11.02
CA GLU E 134 24.14 15.62 -12.47
C GLU E 134 24.97 14.51 -13.11
N TYR E 135 25.85 13.88 -12.34
CA TYR E 135 26.58 12.72 -12.86
C TYR E 135 25.63 11.56 -13.12
N LEU E 136 24.63 11.39 -12.25
CA LEU E 136 23.64 10.33 -12.46
C LEU E 136 22.86 10.57 -13.76
N THR E 137 22.70 11.85 -14.10
CA THR E 137 22.07 12.26 -15.35
C THR E 137 22.92 11.92 -16.59
N ARG E 138 24.24 11.96 -16.44
CA ARG E 138 25.15 11.46 -17.48
C ARG E 138 24.91 9.98 -17.72
N MET E 139 24.51 9.29 -16.64
CA MET E 139 24.36 7.84 -16.62
C MET E 139 22.91 7.37 -16.79
N ALA E 140 22.03 8.29 -17.15
CA ALA E 140 20.65 7.96 -17.49
C ALA E 140 20.61 6.98 -18.67
N GLY E 141 19.90 5.87 -18.51
CA GLY E 141 19.71 4.91 -19.59
C GLY E 141 20.93 4.06 -19.93
N LYS E 142 21.87 3.97 -18.99
CA LYS E 142 23.15 3.32 -19.21
C LYS E 142 23.21 1.88 -18.68
N GLY E 143 22.09 1.37 -18.16
CA GLY E 143 22.01 -0.02 -17.75
C GLY E 143 22.97 -0.42 -16.64
N LEU E 144 22.99 0.41 -15.61
CA LEU E 144 23.88 0.28 -14.45
C LEU E 144 23.32 -0.67 -13.40
N ARG E 145 24.19 -1.52 -12.90
CA ARG E 145 23.76 -2.52 -11.93
C ARG E 145 24.58 -2.41 -10.66
N GLN E 146 23.92 -2.59 -9.52
CA GLN E 146 24.62 -2.62 -8.24
C GLN E 146 24.69 -4.05 -7.74
N GLY E 147 25.91 -4.54 -7.55
CA GLY E 147 26.14 -5.92 -7.17
C GLY E 147 26.78 -6.69 -8.31
N PHE E 148 25.96 -7.30 -9.15
CA PHE E 148 26.43 -7.89 -10.40
C PHE E 148 26.80 -6.80 -11.43
N GLU E 149 27.54 -7.19 -12.46
CA GLU E 149 28.04 -6.28 -13.49
C GLU E 149 26.92 -5.57 -14.25
N ASP E 150 27.24 -4.37 -14.74
CA ASP E 150 26.30 -3.50 -15.44
C ASP E 150 25.73 -4.17 -16.69
N ALA E 151 24.42 -3.98 -16.91
CA ALA E 151 23.76 -4.54 -18.08
C ALA E 151 24.17 -3.80 -19.37
N GLY E 152 24.44 -2.50 -19.26
CA GLY E 152 24.73 -1.65 -20.39
C GLY E 152 23.46 -1.17 -21.08
N PRO E 153 23.58 -0.16 -21.96
CA PRO E 153 22.44 0.26 -22.78
C PRO E 153 22.10 -0.76 -23.87
#